data_6ZRW
#
_entry.id   6ZRW
#
_cell.length_a   44.497
_cell.length_b   73.626
_cell.length_c   111.956
_cell.angle_alpha   90.000
_cell.angle_beta   101.030
_cell.angle_gamma   90.000
#
_symmetry.space_group_name_H-M   'P 1 21 1'
#
loop_
_entity.id
_entity.type
_entity.pdbx_description
1 polymer 'Mucin-binding lectin 1'
2 non-polymer GLYCEROL
3 non-polymer TRICHLOROPLATINATE
4 non-polymer 'POTASSIUM ION'
5 non-polymer 'ACETATE ION'
6 non-polymer TETRACHLOROPLATINATE(II)
7 water water
#
_entity_poly.entity_id   1
_entity_poly.type   'polypeptide(L)'
_entity_poly.pdbx_seq_one_letter_code
;AIFHTGSELFIITRGPGKLTLLTWGGLNNLRSVIGAIPTENTGVTKWAVSFSHNYTRFSFIWEGQGEACYQIGNGLTRSP
VGRSWSSSSTIHWGSSTVITEDVTSVVPGAVNRDKVTTAYALPDNL
;
_entity_poly.pdbx_strand_id   A,B,C,D,E,F
#
# COMPACT_ATOMS: atom_id res chain seq x y z
N ALA A 1 -28.26 2.48 7.61
CA ALA A 1 -28.45 3.81 7.05
C ALA A 1 -27.10 4.43 6.68
N ILE A 2 -27.02 4.99 5.46
CA ILE A 2 -25.79 5.63 5.01
C ILE A 2 -25.48 6.81 5.92
N PHE A 3 -24.18 7.03 6.14
CA PHE A 3 -23.58 8.07 6.97
C PHE A 3 -23.42 7.66 8.43
N HIS A 4 -24.09 6.58 8.84
CA HIS A 4 -23.87 6.03 10.17
C HIS A 4 -22.56 5.23 10.17
N THR A 5 -21.99 5.06 11.37
CA THR A 5 -20.80 4.22 11.48
C THR A 5 -21.11 2.85 10.87
N GLY A 6 -20.19 2.37 10.04
CA GLY A 6 -20.35 1.13 9.30
C GLY A 6 -20.87 1.32 7.89
N SER A 7 -21.46 2.46 7.60
CA SER A 7 -22.07 2.77 6.30
C SER A 7 -21.63 4.15 5.83
N GLU A 8 -20.33 4.43 5.97
CA GLU A 8 -19.76 5.69 5.54
C GLU A 8 -19.71 5.76 4.01
N LEU A 9 -19.75 6.99 3.49
CA LEU A 9 -19.83 7.21 2.05
C LEU A 9 -18.46 7.55 1.48
N PHE A 10 -17.95 6.69 0.60
CA PHE A 10 -16.67 6.88 -0.06
C PHE A 10 -16.86 6.94 -1.57
N ILE A 11 -16.01 7.72 -2.22
CA ILE A 11 -16.02 7.85 -3.67
C ILE A 11 -14.63 7.51 -4.18
N ILE A 12 -14.58 6.94 -5.37
CA ILE A 12 -13.33 6.70 -6.08
C ILE A 12 -13.51 7.27 -7.49
N THR A 13 -12.53 8.04 -7.95
CA THR A 13 -12.60 8.67 -9.26
C THR A 13 -11.29 8.41 -9.99
N ARG A 14 -11.33 8.58 -11.31
CA ARG A 14 -10.11 8.52 -12.11
C ARG A 14 -9.97 9.82 -12.90
N GLY A 15 -8.78 10.41 -12.83
CA GLY A 15 -8.46 11.60 -13.57
C GLY A 15 -8.95 12.87 -12.91
N PRO A 16 -8.63 14.01 -13.51
CA PRO A 16 -9.02 15.30 -12.92
C PRO A 16 -10.51 15.56 -13.10
N GLY A 17 -11.04 16.37 -12.21
CA GLY A 17 -12.45 16.70 -12.29
C GLY A 17 -12.92 17.33 -10.99
N LYS A 18 -14.23 17.50 -10.90
CA LYS A 18 -14.87 18.12 -9.75
C LYS A 18 -15.96 17.20 -9.23
N LEU A 19 -15.91 16.93 -7.93
CA LEU A 19 -17.00 16.27 -7.23
C LEU A 19 -17.81 17.36 -6.55
N THR A 20 -19.10 17.44 -6.88
CA THR A 20 -19.93 18.50 -6.34
C THR A 20 -21.00 17.91 -5.44
N LEU A 21 -21.11 18.47 -4.24
CA LEU A 21 -22.08 18.04 -3.24
C LEU A 21 -23.13 19.13 -3.05
N LEU A 22 -24.39 18.73 -3.16
CA LEU A 22 -25.54 19.59 -2.88
C LEU A 22 -26.16 19.11 -1.59
N THR A 23 -26.18 19.98 -0.58
CA THR A 23 -26.73 19.68 0.74
C THR A 23 -28.04 20.42 0.86
N TRP A 24 -29.14 19.69 1.05
CA TRP A 24 -30.46 20.31 1.01
C TRP A 24 -31.40 19.60 1.98
N GLY A 25 -32.68 19.92 1.90
CA GLY A 25 -33.61 19.48 2.93
C GLY A 25 -33.26 20.01 4.31
N GLY A 26 -32.84 21.27 4.38
CA GLY A 26 -32.48 21.85 5.65
C GLY A 26 -33.66 21.99 6.58
N LEU A 27 -33.39 21.78 7.87
CA LEU A 27 -34.37 22.02 8.92
C LEU A 27 -34.79 23.49 8.92
N ASN A 28 -36.09 23.72 8.93
CA ASN A 28 -36.67 25.04 9.19
C ASN A 28 -35.95 26.15 8.45
N ASN A 29 -35.89 25.99 7.14
CA ASN A 29 -35.45 27.02 6.21
C ASN A 29 -33.95 27.28 6.20
N LEU A 30 -33.13 26.45 6.83
CA LEU A 30 -31.71 26.52 6.59
C LEU A 30 -31.45 26.45 5.09
N ARG A 31 -30.56 27.31 4.60
CA ARG A 31 -30.31 27.37 3.17
C ARG A 31 -29.56 26.13 2.68
N SER A 32 -29.94 25.67 1.50
CA SER A 32 -29.18 24.63 0.83
C SER A 32 -27.81 25.16 0.43
N VAL A 33 -26.87 24.23 0.24
CA VAL A 33 -25.49 24.54 -0.09
C VAL A 33 -25.07 23.70 -1.28
N ILE A 34 -24.27 24.27 -2.17
CA ILE A 34 -23.68 23.52 -3.27
C ILE A 34 -22.20 23.89 -3.34
N GLY A 35 -21.35 22.88 -3.44
CA GLY A 35 -19.92 23.15 -3.54
C GLY A 35 -19.19 22.11 -4.35
N ALA A 36 -18.38 22.57 -5.30
CA ALA A 36 -17.53 21.71 -6.10
C ALA A 36 -16.17 21.57 -5.45
N ILE A 37 -15.67 20.34 -5.39
CA ILE A 37 -14.36 20.04 -4.86
C ILE A 37 -13.52 19.52 -6.02
N PRO A 38 -12.51 20.26 -6.46
CA PRO A 38 -11.69 19.80 -7.59
C PRO A 38 -10.57 18.87 -7.16
N THR A 39 -10.21 17.97 -8.07
CA THR A 39 -8.94 17.28 -7.98
C THR A 39 -8.19 17.43 -9.31
N GLU A 40 -6.88 17.59 -9.21
CA GLU A 40 -6.01 17.58 -10.37
C GLU A 40 -5.26 16.27 -10.54
N ASN A 41 -5.56 15.25 -9.72
CA ASN A 41 -4.85 13.99 -9.85
C ASN A 41 -5.14 13.37 -11.22
N THR A 42 -4.09 12.83 -11.84
CA THR A 42 -4.26 12.16 -13.12
C THR A 42 -4.72 10.72 -12.97
N GLY A 43 -4.48 10.12 -11.81
CA GLY A 43 -4.88 8.75 -11.57
C GLY A 43 -6.07 8.67 -10.64
N VAL A 44 -6.03 7.72 -9.72
CA VAL A 44 -7.15 7.45 -8.83
C VAL A 44 -7.15 8.47 -7.71
N THR A 45 -8.32 9.04 -7.42
CA THR A 45 -8.54 9.80 -6.19
C THR A 45 -9.57 9.08 -5.34
N LYS A 46 -9.31 8.99 -4.06
CA LYS A 46 -10.25 8.44 -3.10
C LYS A 46 -10.80 9.59 -2.26
N TRP A 47 -12.08 9.48 -1.89
CA TRP A 47 -12.77 10.59 -1.23
C TRP A 47 -13.65 10.09 -0.10
N ALA A 48 -13.81 10.92 0.92
CA ALA A 48 -14.82 10.72 1.95
C ALA A 48 -15.85 11.83 1.83
N VAL A 49 -17.13 11.47 1.84
CA VAL A 49 -18.21 12.44 1.71
C VAL A 49 -19.03 12.42 3.00
N SER A 50 -19.22 13.59 3.59
CA SER A 50 -19.95 13.70 4.84
C SER A 50 -21.27 14.41 4.63
N PHE A 51 -22.23 14.09 5.50
CA PHE A 51 -23.42 14.91 5.68
C PHE A 51 -23.10 16.11 6.56
N SER A 52 -24.07 17.01 6.71
CA SER A 52 -24.06 18.05 7.72
C SER A 52 -25.28 17.85 8.60
N HIS A 53 -25.12 17.96 9.91
CA HIS A 53 -26.28 17.96 10.79
C HIS A 53 -27.26 19.04 10.36
N ASN A 54 -28.55 18.72 10.53
CA ASN A 54 -29.71 19.56 10.25
C ASN A 54 -30.09 19.60 8.77
N TYR A 55 -29.48 18.77 7.94
CA TYR A 55 -29.91 18.59 6.56
C TYR A 55 -30.26 17.13 6.34
N THR A 56 -31.21 16.90 5.43
CA THR A 56 -31.78 15.58 5.24
C THR A 56 -31.66 15.06 3.81
N ARG A 57 -31.07 15.81 2.90
CA ARG A 57 -30.91 15.38 1.52
C ARG A 57 -29.49 15.70 1.09
N PHE A 58 -28.84 14.76 0.42
CA PHE A 58 -27.45 14.91 -0.03
C PHE A 58 -27.35 14.36 -1.43
N SER A 59 -27.02 15.21 -2.39
CA SER A 59 -26.94 14.81 -3.79
C SER A 59 -25.57 15.17 -4.31
N PHE A 60 -25.01 14.34 -5.19
CA PHE A 60 -23.67 14.60 -5.66
C PHE A 60 -23.51 14.10 -7.08
N ILE A 61 -22.61 14.76 -7.81
CA ILE A 61 -22.26 14.37 -9.17
C ILE A 61 -20.75 14.51 -9.32
N TRP A 62 -20.23 13.81 -10.34
CA TRP A 62 -18.85 13.92 -10.78
C TRP A 62 -18.83 14.53 -12.16
N GLU A 63 -17.99 15.53 -12.35
CA GLU A 63 -17.79 16.17 -13.65
C GLU A 63 -16.33 15.98 -13.99
N GLY A 64 -16.07 15.07 -14.91
CA GLY A 64 -14.72 14.82 -15.34
C GLY A 64 -14.79 13.78 -16.44
N GLN A 65 -13.71 13.67 -17.18
CA GLN A 65 -13.73 12.72 -18.29
C GLN A 65 -13.74 11.28 -17.80
N GLY A 66 -13.21 11.03 -16.59
CA GLY A 66 -13.01 9.68 -16.11
C GLY A 66 -14.17 9.15 -15.29
N GLU A 67 -14.04 7.88 -14.91
CA GLU A 67 -15.06 7.18 -14.15
C GLU A 67 -15.12 7.70 -12.72
N ALA A 68 -16.25 7.42 -12.06
CA ALA A 68 -16.47 7.75 -10.66
C ALA A 68 -17.49 6.77 -10.10
N CYS A 69 -17.18 6.19 -8.95
CA CYS A 69 -18.07 5.24 -8.29
C CYS A 69 -18.09 5.53 -6.79
N TYR A 70 -19.15 5.07 -6.13
CA TYR A 70 -19.27 5.15 -4.68
C TYR A 70 -19.25 3.75 -4.05
N GLN A 71 -18.79 3.71 -2.81
CA GLN A 71 -18.70 2.52 -1.98
C GLN A 71 -19.23 2.88 -0.59
N ILE A 72 -20.01 1.99 0.00
CA ILE A 72 -20.60 2.19 1.32
C ILE A 72 -19.83 1.36 2.34
N GLY A 73 -19.23 2.04 3.33
CA GLY A 73 -18.49 1.34 4.36
C GLY A 73 -17.37 0.52 3.77
N ASN A 74 -17.14 -0.67 4.33
CA ASN A 74 -16.17 -1.61 3.78
C ASN A 74 -16.83 -2.60 2.82
N GLY A 75 -18.02 -2.27 2.32
CA GLY A 75 -18.62 -3.08 1.28
C GLY A 75 -17.74 -3.16 0.05
N LEU A 76 -17.87 -4.26 -0.68
CA LEU A 76 -17.06 -4.45 -1.86
C LEU A 76 -17.65 -3.83 -3.12
N THR A 77 -18.96 -3.63 -3.17
CA THR A 77 -19.58 -3.13 -4.38
C THR A 77 -19.18 -1.68 -4.60
N ARG A 78 -18.99 -1.32 -5.88
CA ARG A 78 -18.72 0.06 -6.29
C ARG A 78 -19.61 0.35 -7.49
N SER A 79 -20.41 1.41 -7.40
CA SER A 79 -21.43 1.71 -8.40
C SER A 79 -21.27 3.13 -8.91
N PRO A 80 -21.61 3.37 -10.17
CA PRO A 80 -21.36 4.70 -10.77
C PRO A 80 -22.09 5.85 -10.08
N VAL A 81 -21.33 6.94 -9.92
CA VAL A 81 -21.85 8.21 -9.44
C VAL A 81 -22.54 8.95 -10.58
N GLY A 82 -23.60 9.69 -10.26
CA GLY A 82 -24.28 10.47 -11.28
C GLY A 82 -23.38 11.54 -11.88
N ARG A 83 -23.70 11.93 -13.12
CA ARG A 83 -22.85 12.83 -13.88
C ARG A 83 -23.56 14.12 -14.28
N SER A 84 -24.78 14.33 -13.82
CA SER A 84 -25.54 15.54 -14.10
C SER A 84 -26.60 15.66 -13.02
N TRP A 85 -27.03 16.88 -12.73
CA TRP A 85 -28.00 17.07 -11.66
C TRP A 85 -29.35 16.46 -11.99
N SER A 86 -29.66 16.28 -13.28
N SER A 86 -29.67 16.28 -13.27
CA SER A 86 -30.90 15.61 -13.67
CA SER A 86 -30.92 15.62 -13.65
C SER A 86 -30.89 14.14 -13.27
C SER A 86 -30.88 14.12 -13.37
N SER A 87 -29.72 13.55 -13.07
CA SER A 87 -29.59 12.15 -12.69
C SER A 87 -28.54 12.03 -11.59
N SER A 88 -28.70 12.84 -10.55
CA SER A 88 -27.72 12.90 -9.47
C SER A 88 -27.76 11.63 -8.63
N SER A 89 -26.63 11.29 -8.02
CA SER A 89 -26.65 10.35 -6.91
C SER A 89 -27.22 11.09 -5.70
N THR A 90 -28.23 10.49 -5.06
CA THR A 90 -28.90 11.15 -3.96
C THR A 90 -29.13 10.18 -2.81
N ILE A 91 -28.97 10.70 -1.60
CA ILE A 91 -29.27 9.98 -0.37
C ILE A 91 -30.31 10.77 0.40
N HIS A 92 -31.42 10.12 0.73
CA HIS A 92 -32.39 10.66 1.68
C HIS A 92 -32.01 10.18 3.07
N TRP A 93 -31.91 11.11 4.01
CA TRP A 93 -31.50 10.77 5.36
C TRP A 93 -32.32 9.62 5.90
N GLY A 94 -31.64 8.59 6.39
CA GLY A 94 -32.24 7.38 6.89
C GLY A 94 -32.20 6.23 5.92
N SER A 95 -31.95 6.50 4.65
CA SER A 95 -31.90 5.44 3.66
C SER A 95 -30.55 4.73 3.69
N SER A 96 -30.58 3.45 3.33
CA SER A 96 -29.39 2.63 3.16
C SER A 96 -28.98 2.51 1.70
N THR A 97 -29.66 3.22 0.81
CA THR A 97 -29.54 3.09 -0.63
C THR A 97 -29.30 4.47 -1.22
N VAL A 98 -28.36 4.55 -2.17
CA VAL A 98 -28.19 5.72 -3.03
C VAL A 98 -29.17 5.57 -4.19
N ILE A 99 -29.96 6.61 -4.45
CA ILE A 99 -30.93 6.60 -5.54
C ILE A 99 -30.49 7.62 -6.59
N THR A 100 -31.13 7.57 -7.75
CA THR A 100 -30.99 8.61 -8.76
C THR A 100 -32.14 9.58 -8.58
N GLU A 101 -31.84 10.87 -8.51
CA GLU A 101 -32.89 11.89 -8.36
C GLU A 101 -32.53 13.13 -9.15
N ASP A 102 -33.52 13.67 -9.85
CA ASP A 102 -33.39 14.94 -10.55
C ASP A 102 -33.53 16.07 -9.55
N VAL A 103 -32.43 16.76 -9.26
CA VAL A 103 -32.41 17.85 -8.31
C VAL A 103 -32.13 19.18 -9.01
N THR A 104 -32.38 19.27 -10.32
CA THR A 104 -32.14 20.51 -11.04
C THR A 104 -32.94 21.67 -10.45
N SER A 105 -34.10 21.41 -9.85
CA SER A 105 -34.90 22.48 -9.29
C SER A 105 -34.34 22.99 -7.96
N VAL A 106 -33.47 22.22 -7.33
CA VAL A 106 -32.90 22.59 -6.04
C VAL A 106 -31.63 23.41 -6.21
N VAL A 107 -30.84 23.09 -7.23
CA VAL A 107 -29.53 23.73 -7.40
C VAL A 107 -29.61 25.26 -7.40
N PRO A 108 -30.55 25.89 -8.10
CA PRO A 108 -30.55 27.36 -8.19
C PRO A 108 -30.73 28.07 -6.86
N GLY A 109 -31.30 27.42 -5.85
CA GLY A 109 -31.49 28.08 -4.58
C GLY A 109 -30.38 27.88 -3.58
N ALA A 110 -29.33 27.17 -3.95
CA ALA A 110 -28.27 26.79 -3.02
C ALA A 110 -27.19 27.85 -2.98
N VAL A 111 -26.60 28.01 -1.79
CA VAL A 111 -25.49 28.92 -1.59
C VAL A 111 -24.22 28.24 -2.06
N ASN A 112 -23.42 28.95 -2.84
CA ASN A 112 -22.20 28.39 -3.38
C ASN A 112 -21.14 28.35 -2.30
N ARG A 113 -20.57 27.17 -2.08
CA ARG A 113 -19.46 26.95 -1.16
C ARG A 113 -18.40 26.07 -1.83
N ASP A 114 -18.05 26.43 -3.06
CA ASP A 114 -17.00 25.71 -3.76
C ASP A 114 -15.74 25.69 -2.89
N LYS A 115 -15.10 24.52 -2.84
CA LYS A 115 -13.87 24.27 -2.07
C LYS A 115 -14.07 24.37 -0.57
N VAL A 116 -15.31 24.45 -0.11
CA VAL A 116 -15.56 24.56 1.33
C VAL A 116 -16.92 23.92 1.63
N THR A 117 -17.07 22.67 1.19
CA THR A 117 -18.18 21.85 1.64
C THR A 117 -17.64 20.48 2.06
N THR A 118 -18.56 19.61 2.43
CA THR A 118 -18.24 18.43 3.24
C THR A 118 -17.92 17.21 2.40
N ALA A 119 -17.03 17.37 1.42
CA ALA A 119 -16.47 16.26 0.66
C ALA A 119 -14.97 16.48 0.52
N TYR A 120 -14.19 15.41 0.69
CA TYR A 120 -12.76 15.54 0.90
C TYR A 120 -12.00 14.48 0.13
N ALA A 121 -11.04 14.93 -0.67
CA ALA A 121 -10.12 14.01 -1.33
C ALA A 121 -9.02 13.60 -0.36
N LEU A 122 -8.69 12.30 -0.37
CA LEU A 122 -7.63 11.81 0.50
C LEU A 122 -6.28 12.12 -0.13
N PRO A 123 -5.28 12.39 0.70
CA PRO A 123 -3.96 12.77 0.19
C PRO A 123 -3.11 11.55 -0.10
N ASP A 124 -1.97 11.81 -0.74
CA ASP A 124 -1.05 10.73 -1.11
C ASP A 124 -0.29 10.14 0.08
N ASN A 125 -0.40 10.74 1.26
CA ASN A 125 0.41 10.32 2.41
C ASN A 125 -0.46 9.88 3.59
N LEU A 126 -1.70 9.48 3.33
N LEU A 126 -1.70 9.48 3.33
CA LEU A 126 -2.58 8.93 4.37
CA LEU A 126 -2.56 8.89 4.35
C LEU A 126 -2.80 7.45 4.08
C LEU A 126 -2.77 7.41 4.02
N ALA B 1 -7.28 27.64 5.69
CA ALA B 1 -8.24 27.37 6.76
C ALA B 1 -8.60 25.89 6.75
N ILE B 2 -8.57 25.27 7.93
CA ILE B 2 -8.91 23.86 8.03
C ILE B 2 -10.33 23.63 7.55
N PHE B 3 -10.54 22.48 6.90
CA PHE B 3 -11.78 21.99 6.30
C PHE B 3 -11.97 22.48 4.87
N HIS B 4 -11.23 23.46 4.41
CA HIS B 4 -11.28 23.83 3.00
C HIS B 4 -10.46 22.83 2.19
N THR B 5 -10.73 22.77 0.89
CA THR B 5 -9.95 21.90 0.03
C THR B 5 -8.47 22.24 0.18
N GLY B 6 -7.65 21.19 0.35
CA GLY B 6 -6.23 21.34 0.61
C GLY B 6 -5.85 21.31 2.07
N SER B 7 -6.82 21.50 2.97
CA SER B 7 -6.57 21.51 4.41
C SER B 7 -7.59 20.62 5.12
N GLU B 8 -7.84 19.44 4.55
CA GLU B 8 -8.76 18.48 5.12
C GLU B 8 -8.20 17.88 6.41
N LEU B 9 -9.10 17.46 7.30
CA LEU B 9 -8.75 17.02 8.63
C LEU B 9 -8.75 15.50 8.69
N PHE B 10 -7.57 14.90 8.88
CA PHE B 10 -7.44 13.46 8.99
C PHE B 10 -6.89 13.10 10.37
N ILE B 11 -7.33 11.93 10.85
CA ILE B 11 -6.89 11.38 12.13
C ILE B 11 -6.28 10.01 11.86
N ILE B 12 -5.27 9.67 12.64
CA ILE B 12 -4.66 8.34 12.64
C ILE B 12 -4.62 7.88 14.10
N THR B 13 -5.11 6.67 14.35
CA THR B 13 -5.15 6.09 15.68
C THR B 13 -4.57 4.69 15.63
N ARG B 14 -4.22 4.15 16.80
CA ARG B 14 -3.77 2.77 16.95
C ARG B 14 -4.63 2.08 18.00
N GLY B 15 -5.15 0.90 17.66
CA GLY B 15 -5.92 0.11 18.58
C GLY B 15 -7.36 0.55 18.65
N PRO B 16 -8.16 -0.18 19.41
CA PRO B 16 -9.58 0.14 19.52
C PRO B 16 -9.82 1.35 20.41
N GLY B 17 -10.95 1.98 20.19
CA GLY B 17 -11.34 3.13 20.98
C GLY B 17 -12.44 3.90 20.29
N LYS B 18 -12.74 5.07 20.87
CA LYS B 18 -13.77 5.95 20.36
C LYS B 18 -13.19 7.32 20.06
N LEU B 19 -13.48 7.83 18.87
CA LEU B 19 -13.20 9.22 18.52
C LEU B 19 -14.52 9.99 18.66
N THR B 20 -14.55 10.99 19.53
CA THR B 20 -15.77 11.74 19.79
C THR B 20 -15.65 13.14 19.23
N LEU B 21 -16.67 13.56 18.47
CA LEU B 21 -16.72 14.89 17.87
C LEU B 21 -17.83 15.69 18.52
N LEU B 22 -17.49 16.88 18.98
CA LEU B 22 -18.43 17.86 19.52
C LEU B 22 -18.55 18.99 18.51
N THR B 23 -19.74 19.16 17.96
CA THR B 23 -20.03 20.18 16.96
C THR B 23 -20.83 21.26 17.70
N TRP B 24 -20.28 22.46 17.78
CA TRP B 24 -20.91 23.51 18.59
C TRP B 24 -20.70 24.87 17.93
N GLY B 25 -21.00 25.93 18.67
CA GLY B 25 -20.97 27.25 18.09
C GLY B 25 -21.95 27.39 16.93
N GLY B 26 -23.13 26.80 17.06
CA GLY B 26 -24.10 26.85 16.00
C GLY B 26 -24.62 28.25 15.75
N LEU B 27 -24.76 28.60 14.47
CA LEU B 27 -25.42 29.84 14.11
C LEU B 27 -26.91 29.76 14.45
N ASN B 28 -27.50 30.91 14.70
CA ASN B 28 -28.95 31.01 14.90
C ASN B 28 -29.44 30.05 15.97
N ASN B 29 -28.68 29.91 17.04
CA ASN B 29 -29.05 29.10 18.19
C ASN B 29 -29.26 27.62 17.85
N LEU B 30 -28.66 27.12 16.78
CA LEU B 30 -28.68 25.68 16.53
C LEU B 30 -28.02 24.96 17.69
N ARG B 31 -28.59 23.83 18.07
CA ARG B 31 -28.08 23.10 19.22
C ARG B 31 -26.83 22.31 18.86
N SER B 32 -25.95 22.20 19.84
CA SER B 32 -24.74 21.42 19.67
C SER B 32 -25.03 19.93 19.61
N VAL B 33 -24.08 19.20 19.03
CA VAL B 33 -24.16 17.76 18.83
C VAL B 33 -22.86 17.14 19.34
N ILE B 34 -22.98 15.96 19.96
CA ILE B 34 -21.81 15.20 20.39
C ILE B 34 -22.04 13.75 19.96
N GLY B 35 -21.04 13.15 19.34
CA GLY B 35 -21.18 11.76 18.96
C GLY B 35 -19.87 11.02 18.98
N ALA B 36 -19.83 9.87 19.65
CA ALA B 36 -18.66 9.01 19.66
C ALA B 36 -18.71 8.02 18.50
N ILE B 37 -17.59 7.87 17.81
CA ILE B 37 -17.44 6.94 16.71
C ILE B 37 -16.47 5.84 17.14
N PRO B 38 -16.92 4.60 17.31
CA PRO B 38 -16.01 3.54 17.75
C PRO B 38 -15.29 2.88 16.60
N THR B 39 -14.08 2.42 16.89
CA THR B 39 -13.39 1.48 16.02
C THR B 39 -12.97 0.27 16.84
N GLU B 40 -13.03 -0.90 16.23
CA GLU B 40 -12.58 -2.16 16.80
C GLU B 40 -11.26 -2.62 16.20
N ASN B 41 -10.67 -1.83 15.30
CA ASN B 41 -9.41 -2.22 14.68
C ASN B 41 -8.32 -2.37 15.73
N THR B 42 -7.49 -3.40 15.58
CA THR B 42 -6.38 -3.61 16.49
C THR B 42 -5.14 -2.81 16.09
N GLY B 43 -5.02 -2.48 14.82
CA GLY B 43 -3.88 -1.75 14.34
C GLY B 43 -4.22 -0.30 14.08
N VAL B 44 -3.72 0.22 12.96
CA VAL B 44 -3.86 1.62 12.60
C VAL B 44 -5.20 1.84 11.93
N THR B 45 -5.93 2.84 12.38
CA THR B 45 -7.13 3.30 11.69
C THR B 45 -6.88 4.72 11.19
N LYS B 46 -7.30 4.99 9.97
CA LYS B 46 -7.24 6.32 9.39
C LYS B 46 -8.67 6.84 9.32
N TRP B 47 -8.82 8.15 9.53
CA TRP B 47 -10.12 8.76 9.68
C TRP B 47 -10.18 10.08 8.93
N ALA B 48 -11.38 10.43 8.46
CA ALA B 48 -11.68 11.73 7.89
C ALA B 48 -12.71 12.38 8.80
N VAL B 49 -12.43 13.60 9.26
CA VAL B 49 -13.34 14.34 10.13
C VAL B 49 -13.87 15.55 9.36
N SER B 50 -15.19 15.69 9.35
CA SER B 50 -15.85 16.77 8.64
C SER B 50 -16.46 17.76 9.62
N PHE B 51 -16.58 19.00 9.15
CA PHE B 51 -17.46 19.97 9.79
C PHE B 51 -18.90 19.73 9.34
N SER B 52 -19.83 20.48 9.94
CA SER B 52 -21.18 20.62 9.45
C SER B 52 -21.42 22.09 9.13
N HIS B 53 -22.06 22.36 7.99
CA HIS B 53 -22.48 23.72 7.70
C HIS B 53 -23.31 24.25 8.85
N ASN B 54 -23.15 25.55 9.12
CA ASN B 54 -23.86 26.32 10.12
C ASN B 54 -23.34 26.16 11.53
N TYR B 55 -22.18 25.53 11.73
CA TYR B 55 -21.53 25.48 13.03
C TYR B 55 -20.12 26.06 12.89
N THR B 56 -19.63 26.64 13.99
CA THR B 56 -18.38 27.39 13.95
C THR B 56 -17.30 26.84 14.88
N ARG B 57 -17.58 25.77 15.62
CA ARG B 57 -16.62 25.19 16.55
C ARG B 57 -16.67 23.68 16.44
N PHE B 58 -15.50 23.05 16.38
CA PHE B 58 -15.40 21.60 16.24
C PHE B 58 -14.31 21.12 17.18
N SER B 59 -14.69 20.29 18.14
CA SER B 59 -13.78 19.78 19.16
C SER B 59 -13.83 18.26 19.17
N PHE B 60 -12.68 17.62 19.33
CA PHE B 60 -12.65 16.17 19.29
C PHE B 60 -11.63 15.63 20.27
N ILE B 61 -11.91 14.42 20.76
CA ILE B 61 -10.99 13.68 21.62
C ILE B 61 -10.97 12.23 21.16
N TRP B 62 -9.89 11.56 21.54
CA TRP B 62 -9.76 10.12 21.37
C TRP B 62 -9.72 9.48 22.75
N GLU B 63 -10.53 8.47 22.94
CA GLU B 63 -10.54 7.66 24.16
C GLU B 63 -10.13 6.26 23.77
N GLY B 64 -8.92 5.89 24.13
CA GLY B 64 -8.39 4.60 23.75
C GLY B 64 -7.02 4.50 24.35
N GLN B 65 -6.56 3.29 24.62
CA GLN B 65 -5.23 3.14 25.17
C GLN B 65 -4.17 3.60 24.18
N GLY B 66 -4.43 3.45 22.87
CA GLY B 66 -3.42 3.71 21.87
C GLY B 66 -3.28 5.16 21.50
N GLU B 67 -2.28 5.44 20.67
N GLU B 67 -2.27 5.43 20.66
CA GLU B 67 -1.98 6.80 20.24
CA GLU B 67 -1.97 6.79 20.22
C GLU B 67 -3.04 7.30 19.25
C GLU B 67 -3.02 7.30 19.22
N ALA B 68 -3.04 8.62 19.08
CA ALA B 68 -3.94 9.27 18.13
C ALA B 68 -3.33 10.62 17.75
N CYS B 69 -3.23 10.86 16.45
CA CYS B 69 -2.68 12.10 15.92
C CYS B 69 -3.57 12.61 14.79
N TYR B 70 -3.43 13.90 14.49
CA TYR B 70 -4.10 14.51 13.35
C TYR B 70 -3.08 15.02 12.34
N GLN B 71 -3.53 15.05 11.08
CA GLN B 71 -2.77 15.53 9.94
C GLN B 71 -3.70 16.43 9.14
N ILE B 72 -3.16 17.53 8.62
CA ILE B 72 -3.93 18.48 7.84
C ILE B 72 -3.53 18.36 6.37
N GLY B 73 -4.49 18.04 5.52
CA GLY B 73 -4.21 17.91 4.10
C GLY B 73 -3.15 16.85 3.85
N ASN B 74 -2.27 17.13 2.90
CA ASN B 74 -1.12 16.27 2.63
C ASN B 74 0.12 16.72 3.39
N GLY B 75 -0.05 17.53 4.43
CA GLY B 75 1.06 17.87 5.29
C GLY B 75 1.69 16.63 5.91
N LEU B 76 2.97 16.74 6.20
CA LEU B 76 3.65 15.59 6.78
C LEU B 76 3.54 15.52 8.29
N THR B 77 3.33 16.65 8.96
CA THR B 77 3.29 16.65 10.41
C THR B 77 2.07 15.89 10.92
N ARG B 78 2.27 15.13 11.98
CA ARG B 78 1.19 14.47 12.70
C ARG B 78 1.34 14.80 14.18
N SER B 79 0.30 15.40 14.77
CA SER B 79 0.38 15.88 16.14
C SER B 79 -0.70 15.25 17.00
N PRO B 80 -0.44 15.11 18.31
CA PRO B 80 -1.37 14.36 19.17
C PRO B 80 -2.75 14.99 19.27
N VAL B 81 -3.77 14.13 19.29
CA VAL B 81 -5.16 14.51 19.50
C VAL B 81 -5.42 14.58 20.99
N GLY B 82 -6.37 15.45 21.37
CA GLY B 82 -6.77 15.51 22.76
C GLY B 82 -7.42 14.23 23.24
N ARG B 83 -7.28 13.97 24.53
CA ARG B 83 -7.77 12.74 25.17
C ARG B 83 -8.76 13.02 26.28
N SER B 84 -9.12 14.28 26.53
CA SER B 84 -10.16 14.65 27.46
C SER B 84 -10.73 16.00 27.04
N TRP B 85 -11.97 16.29 27.46
CA TRP B 85 -12.58 17.53 27.01
C TRP B 85 -11.87 18.76 27.59
N SER B 86 -11.23 18.62 28.75
CA SER B 86 -10.44 19.71 29.32
C SER B 86 -9.26 20.08 28.44
N SER B 87 -8.82 19.18 27.57
N SER B 87 -8.81 19.18 27.58
CA SER B 87 -7.70 19.41 26.67
CA SER B 87 -7.69 19.41 26.67
C SER B 87 -8.06 18.99 25.26
C SER B 87 -8.06 18.97 25.27
N SER B 88 -9.25 19.34 24.82
CA SER B 88 -9.74 18.87 23.53
C SER B 88 -8.93 19.46 22.39
N SER B 89 -8.85 18.72 21.28
CA SER B 89 -8.42 19.30 20.01
C SER B 89 -9.58 20.10 19.45
N THR B 90 -9.36 21.38 19.17
CA THR B 90 -10.44 22.28 18.78
C THR B 90 -10.05 23.09 17.56
N ILE B 91 -11.01 23.26 16.65
CA ILE B 91 -10.89 24.15 15.50
C ILE B 91 -11.99 25.20 15.58
N HIS B 92 -11.59 26.47 15.58
CA HIS B 92 -12.49 27.58 15.36
C HIS B 92 -12.61 27.79 13.86
N TRP B 93 -13.85 27.84 13.36
CA TRP B 93 -14.05 27.99 11.93
C TRP B 93 -13.28 29.19 11.40
N GLY B 94 -12.52 28.96 10.32
CA GLY B 94 -11.66 29.96 9.73
C GLY B 94 -10.21 29.80 10.11
N SER B 95 -9.92 29.07 11.17
CA SER B 95 -8.56 28.90 11.62
C SER B 95 -7.82 27.88 10.75
N SER B 96 -6.51 28.10 10.62
CA SER B 96 -5.63 27.15 9.96
C SER B 96 -4.92 26.24 10.96
N THR B 97 -5.26 26.33 12.24
N THR B 97 -5.20 26.36 12.25
CA THR B 97 -4.57 25.64 13.32
CA THR B 97 -4.52 25.53 13.24
C THR B 97 -5.58 24.90 14.20
C THR B 97 -5.50 24.93 14.22
N VAL B 98 -5.17 23.72 14.66
CA VAL B 98 -5.88 23.04 15.74
C VAL B 98 -5.28 23.52 17.04
N ILE B 99 -6.12 23.87 18.01
CA ILE B 99 -5.68 24.34 19.30
C ILE B 99 -6.17 23.37 20.37
N THR B 100 -5.62 23.53 21.58
CA THR B 100 -6.17 22.86 22.75
C THR B 100 -7.19 23.79 23.40
N GLU B 101 -8.38 23.26 23.69
CA GLU B 101 -9.42 24.08 24.31
C GLU B 101 -10.28 23.25 25.25
N ASP B 102 -10.49 23.78 26.46
CA ASP B 102 -11.38 23.16 27.45
C ASP B 102 -12.83 23.40 27.02
N VAL B 103 -13.52 22.35 26.62
CA VAL B 103 -14.93 22.45 26.20
C VAL B 103 -15.84 21.69 27.15
N THR B 104 -15.36 21.42 28.36
CA THR B 104 -16.15 20.62 29.30
C THR B 104 -17.54 21.22 29.52
N SER B 105 -17.63 22.56 29.56
CA SER B 105 -18.92 23.20 29.81
C SER B 105 -19.89 23.06 28.64
N VAL B 106 -19.38 22.79 27.44
CA VAL B 106 -20.25 22.67 26.26
C VAL B 106 -20.91 21.30 26.19
N VAL B 107 -20.21 20.26 26.67
CA VAL B 107 -20.68 18.90 26.44
C VAL B 107 -22.07 18.61 26.95
N PRO B 108 -22.46 19.04 28.16
CA PRO B 108 -23.78 18.63 28.69
C PRO B 108 -24.96 19.15 27.89
N GLY B 109 -24.79 20.23 27.15
CA GLY B 109 -25.89 20.76 26.36
C GLY B 109 -26.04 20.16 24.99
N ALA B 110 -25.12 19.29 24.59
CA ALA B 110 -25.14 18.76 23.23
C ALA B 110 -26.08 17.57 23.12
N VAL B 111 -26.73 17.46 21.96
CA VAL B 111 -27.56 16.30 21.66
C VAL B 111 -26.67 15.13 21.31
N ASN B 112 -26.98 13.95 21.84
CA ASN B 112 -26.17 12.77 21.58
C ASN B 112 -26.49 12.19 20.20
N ARG B 113 -25.45 12.03 19.38
CA ARG B 113 -25.54 11.38 18.08
C ARG B 113 -24.42 10.37 17.91
N ASP B 114 -24.24 9.51 18.92
CA ASP B 114 -23.23 8.46 18.82
C ASP B 114 -23.48 7.62 17.58
N LYS B 115 -22.39 7.27 16.89
CA LYS B 115 -22.41 6.47 15.67
C LYS B 115 -23.12 7.18 14.51
N VAL B 116 -23.44 8.46 14.66
CA VAL B 116 -24.07 9.21 13.57
C VAL B 116 -23.67 10.68 13.65
N THR B 117 -22.37 10.93 13.64
CA THR B 117 -21.87 12.29 13.43
C THR B 117 -20.76 12.24 12.40
N THR B 118 -20.18 13.39 12.13
CA THR B 118 -19.42 13.63 10.91
C THR B 118 -17.93 13.30 11.06
N ALA B 119 -17.64 12.11 11.60
CA ALA B 119 -16.29 11.58 11.65
C ALA B 119 -16.35 10.12 11.23
N TYR B 120 -15.41 9.70 10.38
CA TYR B 120 -15.54 8.45 9.66
C TYR B 120 -14.21 7.72 9.62
N ALA B 121 -14.22 6.46 10.07
CA ALA B 121 -13.06 5.60 9.89
C ALA B 121 -13.03 5.07 8.46
N LEU B 122 -11.84 5.11 7.83
CA LEU B 122 -11.69 4.57 6.49
C LEU B 122 -11.60 3.04 6.56
N PRO B 123 -12.13 2.36 5.54
CA PRO B 123 -12.16 0.90 5.55
C PRO B 123 -10.86 0.29 5.01
N ASP B 124 -10.74 -1.03 5.21
CA ASP B 124 -9.56 -1.76 4.76
C ASP B 124 -9.46 -1.92 3.25
N ASN B 125 -10.51 -1.56 2.51
CA ASN B 125 -10.58 -1.80 1.08
C ASN B 125 -10.73 -0.50 0.29
N LEU B 126 -10.36 0.63 0.87
N LEU B 126 -10.38 0.64 0.89
CA LEU B 126 -10.31 1.90 0.15
CA LEU B 126 -10.34 1.90 0.17
C LEU B 126 -8.83 2.28 -0.02
C LEU B 126 -8.89 2.26 -0.05
N ALA C 1 -13.63 -6.66 -25.15
CA ALA C 1 -13.94 -8.02 -24.74
C ALA C 1 -13.17 -8.37 -23.47
N ILE C 2 -13.86 -8.98 -22.50
CA ILE C 2 -13.20 -9.43 -21.29
C ILE C 2 -12.11 -10.44 -21.61
N PHE C 3 -11.01 -10.36 -20.85
CA PHE C 3 -9.81 -11.19 -20.93
C PHE C 3 -8.76 -10.59 -21.86
N HIS C 4 -9.15 -9.66 -22.72
CA HIS C 4 -8.16 -8.94 -23.53
C HIS C 4 -7.43 -7.94 -22.64
N THR C 5 -6.22 -7.57 -23.07
CA THR C 5 -5.49 -6.52 -22.37
C THR C 5 -6.38 -5.30 -22.23
N GLY C 6 -6.41 -4.75 -21.02
CA GLY C 6 -7.27 -3.63 -20.70
C GLY C 6 -8.60 -4.03 -20.10
N SER C 7 -8.99 -5.29 -20.24
CA SER C 7 -10.26 -5.83 -19.76
C SER C 7 -10.03 -7.13 -19.02
N GLU C 8 -8.97 -7.17 -18.20
CA GLU C 8 -8.64 -8.34 -17.40
C GLU C 8 -9.69 -8.55 -16.31
N LEU C 9 -9.86 -9.80 -15.89
CA LEU C 9 -10.88 -10.15 -14.91
C LEU C 9 -10.26 -10.27 -13.52
N PHE C 10 -10.72 -9.43 -12.60
CA PHE C 10 -10.28 -9.44 -11.22
C PHE C 10 -11.45 -9.65 -10.28
N ILE C 11 -11.17 -10.31 -9.16
CA ILE C 11 -12.16 -10.57 -8.14
C ILE C 11 -11.65 -10.00 -6.82
N ILE C 12 -12.59 -9.55 -6.00
CA ILE C 12 -12.31 -9.11 -4.64
C ILE C 12 -13.31 -9.81 -3.74
N THR C 13 -12.81 -10.44 -2.68
CA THR C 13 -13.63 -11.18 -1.74
C THR C 13 -13.30 -10.75 -0.32
N ARG C 14 -14.22 -11.01 0.59
CA ARG C 14 -13.99 -10.80 2.02
C ARG C 14 -14.18 -12.12 2.76
N GLY C 15 -13.21 -12.44 3.61
CA GLY C 15 -13.30 -13.61 4.45
C GLY C 15 -12.92 -14.87 3.74
N PRO C 16 -12.89 -15.98 4.48
CA PRO C 16 -12.50 -17.25 3.90
C PRO C 16 -13.60 -17.79 2.99
N GLY C 17 -13.18 -18.61 2.03
CA GLY C 17 -14.14 -19.22 1.13
C GLY C 17 -13.41 -19.84 -0.04
N LYS C 18 -14.19 -20.23 -1.04
CA LYS C 18 -13.61 -20.78 -2.26
C LYS C 18 -14.24 -20.12 -3.48
N LEU C 19 -13.38 -19.73 -4.42
CA LEU C 19 -13.78 -19.27 -5.72
C LEU C 19 -13.65 -20.44 -6.68
N THR C 20 -14.74 -20.80 -7.35
CA THR C 20 -14.72 -21.94 -8.25
C THR C 20 -14.91 -21.48 -9.70
N LEU C 21 -14.03 -21.95 -10.58
CA LEU C 21 -14.08 -21.64 -12.00
C LEU C 21 -14.45 -22.89 -12.79
N LEU C 22 -15.48 -22.76 -13.63
CA LEU C 22 -15.88 -23.79 -14.58
C LEU C 22 -15.48 -23.33 -15.98
N THR C 23 -14.59 -24.07 -16.63
CA THR C 23 -14.12 -23.79 -17.97
C THR C 23 -14.78 -24.79 -18.91
N TRP C 24 -15.53 -24.29 -19.91
CA TRP C 24 -16.35 -25.19 -20.71
C TRP C 24 -16.55 -24.63 -22.12
N GLY C 25 -17.41 -25.27 -22.90
CA GLY C 25 -17.52 -24.86 -24.30
C GLY C 25 -16.24 -25.08 -25.08
N GLY C 26 -15.54 -26.17 -24.77
CA GLY C 26 -14.27 -26.44 -25.42
C GLY C 26 -14.43 -26.77 -26.90
N LEU C 27 -13.56 -26.19 -27.70
CA LEU C 27 -13.48 -26.59 -29.10
C LEU C 27 -13.08 -28.06 -29.17
N ASN C 28 -13.60 -28.74 -30.19
CA ASN C 28 -13.17 -30.10 -30.51
C ASN C 28 -13.37 -31.05 -29.34
N ASN C 29 -14.46 -30.89 -28.60
CA ASN C 29 -14.77 -31.81 -27.51
C ASN C 29 -13.74 -31.82 -26.39
N LEU C 30 -12.88 -30.81 -26.30
CA LEU C 30 -12.02 -30.68 -25.13
C LEU C 30 -12.88 -30.71 -23.87
N ARG C 31 -12.38 -31.42 -22.85
CA ARG C 31 -13.19 -31.64 -21.66
C ARG C 31 -13.35 -30.37 -20.82
N SER C 32 -14.54 -30.18 -20.28
CA SER C 32 -14.75 -29.09 -19.34
C SER C 32 -14.02 -29.38 -18.05
N VAL C 33 -13.66 -28.30 -17.35
CA VAL C 33 -12.88 -28.36 -16.12
C VAL C 33 -13.60 -27.56 -15.06
N ILE C 34 -13.65 -28.08 -13.84
CA ILE C 34 -14.14 -27.34 -12.69
C ILE C 34 -13.08 -27.40 -11.61
N GLY C 35 -12.80 -26.27 -10.98
CA GLY C 35 -11.81 -26.25 -9.92
C GLY C 35 -12.06 -25.16 -8.91
N ALA C 36 -12.12 -25.55 -7.64
CA ALA C 36 -12.26 -24.62 -6.52
C ALA C 36 -10.90 -24.16 -6.03
N ILE C 37 -10.79 -22.86 -5.79
CA ILE C 37 -9.57 -22.25 -5.26
C ILE C 37 -9.90 -21.68 -3.89
N PRO C 38 -9.37 -22.26 -2.80
CA PRO C 38 -9.70 -21.74 -1.48
C PRO C 38 -8.81 -20.58 -1.06
N THR C 39 -9.36 -19.76 -0.18
CA THR C 39 -8.60 -18.79 0.57
C THR C 39 -8.95 -18.92 2.05
N GLU C 40 -7.94 -18.75 2.89
CA GLU C 40 -8.11 -18.72 4.33
C GLU C 40 -8.03 -17.31 4.89
N ASN C 41 -7.85 -16.29 4.05
CA ASN C 41 -7.72 -14.93 4.54
C ASN C 41 -8.99 -14.50 5.27
N THR C 42 -8.80 -13.79 6.39
CA THR C 42 -9.93 -13.28 7.14
C THR C 42 -10.45 -11.96 6.59
N GLY C 43 -9.62 -11.24 5.84
CA GLY C 43 -10.00 -9.97 5.29
C GLY C 43 -10.16 -10.04 3.79
N VAL C 44 -9.65 -9.06 3.10
CA VAL C 44 -9.84 -8.94 1.67
C VAL C 44 -8.85 -9.83 0.95
N THR C 45 -9.33 -10.57 -0.05
CA THR C 45 -8.46 -11.27 -0.98
C THR C 45 -8.73 -10.71 -2.37
N LYS C 46 -7.66 -10.45 -3.11
CA LYS C 46 -7.73 -10.01 -4.49
C LYS C 46 -7.34 -11.18 -5.37
N TRP C 47 -7.96 -11.28 -6.54
CA TRP C 47 -7.79 -12.44 -7.40
C TRP C 47 -7.66 -12.01 -8.85
N ALA C 48 -6.92 -12.81 -9.62
CA ALA C 48 -6.88 -12.70 -11.07
C ALA C 48 -7.45 -13.99 -11.64
N VAL C 49 -8.43 -13.87 -12.52
CA VAL C 49 -9.05 -15.02 -13.17
C VAL C 49 -8.69 -15.00 -14.65
N SER C 50 -8.18 -16.12 -15.14
CA SER C 50 -7.78 -16.25 -16.53
C SER C 50 -8.72 -17.18 -17.29
N PHE C 51 -8.82 -16.97 -18.59
CA PHE C 51 -9.35 -17.96 -19.51
C PHE C 51 -8.27 -19.00 -19.82
N SER C 52 -8.67 -20.05 -20.55
CA SER C 52 -7.76 -20.97 -21.19
C SER C 52 -8.04 -20.89 -22.69
N HIS C 53 -6.98 -20.87 -23.50
CA HIS C 53 -7.18 -20.98 -24.94
C HIS C 53 -7.97 -22.25 -25.25
N ASN C 54 -8.81 -22.15 -26.28
CA ASN C 54 -9.59 -23.24 -26.88
C ASN C 54 -10.88 -23.53 -26.13
N TYR C 55 -11.28 -22.68 -25.20
CA TYR C 55 -12.59 -22.76 -24.56
C TYR C 55 -13.37 -21.47 -24.79
N THR C 56 -14.69 -21.61 -24.87
CA THR C 56 -15.57 -20.49 -25.21
C THR C 56 -16.44 -20.00 -24.07
N ARG C 57 -16.46 -20.70 -22.93
CA ARG C 57 -17.33 -20.33 -21.82
C ARG C 57 -16.57 -20.42 -20.51
N PHE C 58 -16.75 -19.41 -19.66
CA PHE C 58 -16.08 -19.35 -18.36
C PHE C 58 -17.11 -18.89 -17.33
N SER C 59 -17.36 -19.72 -16.33
CA SER C 59 -18.39 -19.46 -15.33
C SER C 59 -17.76 -19.59 -13.96
N PHE C 60 -18.15 -18.73 -13.02
CA PHE C 60 -17.54 -18.77 -11.70
C PHE C 60 -18.53 -18.38 -10.62
N ILE C 61 -18.31 -18.94 -9.42
CA ILE C 61 -19.09 -18.62 -8.24
C ILE C 61 -18.15 -18.47 -7.05
N TRP C 62 -18.66 -17.79 -6.03
CA TRP C 62 -18.01 -17.68 -4.74
C TRP C 62 -18.84 -18.36 -3.67
N GLU C 63 -18.18 -19.13 -2.79
CA GLU C 63 -18.81 -19.79 -1.66
C GLU C 63 -18.14 -19.36 -0.37
N GLY C 64 -18.86 -18.59 0.43
CA GLY C 64 -18.34 -18.11 1.70
C GLY C 64 -19.33 -17.14 2.29
N GLN C 65 -19.22 -16.85 3.59
CA GLN C 65 -20.18 -15.92 4.17
C GLN C 65 -19.96 -14.50 3.67
N GLY C 66 -18.79 -14.18 3.14
CA GLY C 66 -18.47 -12.80 2.79
C GLY C 66 -18.85 -12.40 1.38
N GLU C 67 -18.74 -11.10 1.13
CA GLU C 67 -19.01 -10.54 -0.19
C GLU C 67 -17.95 -10.96 -1.20
N ALA C 68 -18.32 -10.88 -2.47
CA ALA C 68 -17.45 -11.17 -3.59
C ALA C 68 -17.92 -10.35 -4.79
N CYS C 69 -17.01 -9.59 -5.38
CA CYS C 69 -17.31 -8.77 -6.54
C CYS C 69 -16.22 -8.94 -7.60
N TYR C 70 -16.59 -8.66 -8.86
CA TYR C 70 -15.63 -8.63 -9.95
C TYR C 70 -15.43 -7.19 -10.44
N GLN C 71 -14.24 -6.96 -11.00
CA GLN C 71 -13.84 -5.70 -11.60
C GLN C 71 -13.17 -6.04 -12.91
N ILE C 72 -13.42 -5.23 -13.95
CA ILE C 72 -12.86 -5.44 -15.28
C ILE C 72 -11.76 -4.40 -15.52
N GLY C 73 -10.54 -4.88 -15.75
CA GLY C 73 -9.42 -3.96 -15.96
C GLY C 73 -9.25 -3.01 -14.80
N ASN C 74 -8.90 -1.77 -15.13
CA ASN C 74 -8.79 -0.70 -14.14
C ASN C 74 -10.09 0.09 -14.02
N GLY C 75 -11.19 -0.43 -14.55
CA GLY C 75 -12.49 0.15 -14.30
C GLY C 75 -12.78 0.21 -12.81
N LEU C 76 -13.60 1.20 -12.44
CA LEU C 76 -13.87 1.42 -11.03
C LEU C 76 -15.04 0.62 -10.50
N THR C 77 -15.98 0.22 -11.37
CA THR C 77 -17.15 -0.52 -10.93
C THR C 77 -16.75 -1.89 -10.40
N ARG C 78 -17.42 -2.30 -9.32
CA ARG C 78 -17.29 -3.64 -8.77
C ARG C 78 -18.68 -4.18 -8.53
N SER C 79 -18.96 -5.38 -9.04
CA SER C 79 -20.30 -5.93 -9.05
C SER C 79 -20.31 -7.34 -8.50
N PRO C 80 -21.39 -7.76 -7.84
CA PRO C 80 -21.36 -9.06 -7.14
C PRO C 80 -21.19 -10.26 -8.06
N VAL C 81 -20.40 -11.23 -7.57
CA VAL C 81 -20.21 -12.52 -8.22
C VAL C 81 -21.35 -13.46 -7.85
N GLY C 82 -21.72 -14.35 -8.77
CA GLY C 82 -22.74 -15.34 -8.47
C GLY C 82 -22.32 -16.27 -7.33
N ARG C 83 -23.33 -16.80 -6.64
CA ARG C 83 -23.10 -17.65 -5.47
C ARG C 83 -23.68 -19.05 -5.64
N SER C 84 -24.16 -19.37 -6.83
CA SER C 84 -24.76 -20.67 -7.11
C SER C 84 -24.59 -20.94 -8.59
N TRP C 85 -24.37 -22.21 -8.94
CA TRP C 85 -24.26 -22.54 -10.36
C TRP C 85 -25.56 -22.26 -11.10
N SER C 86 -26.70 -22.18 -10.40
CA SER C 86 -27.95 -21.79 -11.03
C SER C 86 -27.94 -20.34 -11.49
N SER C 87 -27.07 -19.50 -10.91
CA SER C 87 -26.99 -18.08 -11.22
C SER C 87 -25.52 -17.67 -11.21
N SER C 88 -24.73 -18.40 -12.00
CA SER C 88 -23.30 -18.17 -12.00
C SER C 88 -22.95 -16.89 -12.72
N SER C 89 -21.79 -16.34 -12.40
CA SER C 89 -21.19 -15.30 -13.21
C SER C 89 -20.57 -15.98 -14.43
N THR C 90 -20.96 -15.58 -15.63
CA THR C 90 -20.54 -16.28 -16.83
C THR C 90 -20.06 -15.29 -17.87
N ILE C 91 -19.01 -15.67 -18.58
CA ILE C 91 -18.50 -14.89 -19.70
C ILE C 91 -18.53 -15.78 -20.93
N HIS C 92 -19.20 -15.30 -21.97
CA HIS C 92 -19.12 -15.89 -23.29
C HIS C 92 -17.91 -15.29 -23.99
N TRP C 93 -17.06 -16.14 -24.54
CA TRP C 93 -15.84 -15.64 -25.15
C TRP C 93 -16.17 -14.61 -26.23
N GLY C 94 -15.51 -13.46 -26.15
CA GLY C 94 -15.76 -12.35 -27.04
C GLY C 94 -16.65 -11.28 -26.46
N SER C 95 -17.34 -11.57 -25.36
CA SER C 95 -18.25 -10.62 -24.76
C SER C 95 -17.51 -9.66 -23.83
N SER C 96 -18.07 -8.45 -23.70
CA SER C 96 -17.56 -7.43 -22.81
C SER C 96 -18.29 -7.40 -21.46
N THR C 97 -19.27 -8.28 -21.25
CA THR C 97 -20.07 -8.24 -20.04
C THR C 97 -20.13 -9.61 -19.39
N VAL C 98 -20.15 -9.61 -18.07
CA VAL C 98 -20.44 -10.80 -17.27
C VAL C 98 -21.95 -10.92 -17.14
N ILE C 99 -22.49 -12.08 -17.52
CA ILE C 99 -23.92 -12.33 -17.44
C ILE C 99 -24.20 -13.36 -16.34
N THR C 100 -25.47 -13.54 -16.03
CA THR C 100 -25.93 -14.63 -15.17
C THR C 100 -26.31 -15.81 -16.06
N GLU C 101 -25.80 -16.99 -15.76
CA GLU C 101 -26.14 -18.16 -16.54
C GLU C 101 -26.22 -19.38 -15.64
N ASP C 102 -27.26 -20.19 -15.87
CA ASP C 102 -27.43 -21.47 -15.18
C ASP C 102 -26.57 -22.52 -15.88
N VAL C 103 -25.52 -22.98 -15.21
CA VAL C 103 -24.62 -23.99 -15.75
C VAL C 103 -24.67 -25.28 -14.94
N THR C 104 -25.78 -25.52 -14.24
CA THR C 104 -25.89 -26.73 -13.44
C THR C 104 -25.79 -27.98 -14.31
N SER C 105 -26.19 -27.89 -15.58
CA SER C 105 -26.12 -29.04 -16.47
C SER C 105 -24.72 -29.31 -16.97
N VAL C 106 -23.82 -28.33 -16.87
CA VAL C 106 -22.44 -28.47 -17.32
C VAL C 106 -21.57 -29.06 -16.21
N VAL C 107 -21.88 -28.74 -14.96
CA VAL C 107 -20.99 -29.11 -13.85
C VAL C 107 -20.75 -30.61 -13.76
N PRO C 108 -21.76 -31.47 -13.93
CA PRO C 108 -21.51 -32.92 -13.70
C PRO C 108 -20.51 -33.53 -14.66
N GLY C 109 -20.39 -33.03 -15.88
CA GLY C 109 -19.46 -33.58 -16.83
C GLY C 109 -18.06 -33.03 -16.78
N ALA C 110 -17.78 -32.10 -15.88
CA ALA C 110 -16.49 -31.44 -15.85
C ALA C 110 -15.48 -32.26 -15.03
N VAL C 111 -14.23 -32.25 -15.48
CA VAL C 111 -13.16 -32.91 -14.74
CA VAL C 111 -13.15 -32.90 -14.76
C VAL C 111 -12.75 -32.03 -13.58
N ASN C 112 -12.58 -32.65 -12.40
CA ASN C 112 -12.22 -31.89 -11.21
C ASN C 112 -10.74 -31.54 -11.20
N ARG C 113 -10.43 -30.24 -11.13
CA ARG C 113 -9.08 -29.72 -11.02
C ARG C 113 -9.01 -28.71 -9.89
N ASP C 114 -9.60 -29.07 -8.74
CA ASP C 114 -9.51 -28.23 -7.56
C ASP C 114 -8.05 -27.87 -7.29
N LYS C 115 -7.81 -26.62 -6.93
CA LYS C 115 -6.49 -26.09 -6.61
C LYS C 115 -5.53 -26.05 -7.79
N VAL C 116 -6.01 -26.32 -9.00
CA VAL C 116 -5.13 -26.36 -10.17
C VAL C 116 -5.93 -25.98 -11.42
N THR C 117 -6.64 -24.86 -11.34
CA THR C 117 -7.24 -24.24 -12.52
C THR C 117 -6.87 -22.76 -12.52
N THR C 118 -7.42 -22.04 -13.50
CA THR C 118 -6.86 -20.75 -13.93
C THR C 118 -7.44 -19.55 -13.18
N ALA C 119 -7.50 -19.63 -11.87
CA ALA C 119 -7.92 -18.53 -11.01
C ALA C 119 -6.95 -18.48 -9.83
N TYR C 120 -6.50 -17.28 -9.46
CA TYR C 120 -5.35 -17.15 -8.59
C TYR C 120 -5.57 -16.05 -7.56
N ALA C 121 -5.37 -16.39 -6.29
CA ALA C 121 -5.37 -15.39 -5.24
C ALA C 121 -4.02 -14.68 -5.22
N LEU C 122 -4.06 -13.37 -5.07
CA LEU C 122 -2.84 -12.60 -5.00
C LEU C 122 -2.29 -12.66 -3.58
N PRO C 123 -0.97 -12.65 -3.44
CA PRO C 123 -0.36 -12.83 -2.12
C PRO C 123 -0.17 -11.49 -1.42
N ASP C 124 0.21 -11.58 -0.15
CA ASP C 124 0.41 -10.40 0.69
C ASP C 124 1.66 -9.62 0.34
N ASN C 125 2.52 -10.15 -0.52
CA ASN C 125 3.81 -9.53 -0.80
C ASN C 125 4.01 -9.20 -2.27
N LEU C 126 2.91 -8.99 -3.00
N LEU C 126 2.91 -9.02 -3.01
CA LEU C 126 2.95 -8.50 -4.37
CA LEU C 126 2.95 -8.53 -4.39
C LEU C 126 2.30 -7.12 -4.42
C LEU C 126 2.33 -7.13 -4.37
N ALA D 1 3.78 -27.81 -7.67
CA ALA D 1 4.22 -27.32 -8.96
C ALA D 1 3.69 -25.92 -9.21
N ILE D 2 4.43 -25.17 -10.03
CA ILE D 2 3.96 -23.84 -10.41
C ILE D 2 2.60 -23.98 -11.07
N PHE D 3 1.73 -23.02 -10.74
CA PHE D 3 0.35 -22.86 -11.21
C PHE D 3 -0.66 -23.51 -10.27
N HIS D 4 -0.23 -24.43 -9.40
CA HIS D 4 -1.08 -24.92 -8.33
C HIS D 4 -1.29 -23.80 -7.32
N THR D 5 -2.46 -23.81 -6.67
CA THR D 5 -2.69 -22.86 -5.59
C THR D 5 -1.51 -22.90 -4.62
N GLY D 6 -1.03 -21.72 -4.21
CA GLY D 6 0.15 -21.58 -3.40
C GLY D 6 1.43 -21.41 -4.17
N SER D 7 1.43 -21.72 -5.46
CA SER D 7 2.59 -21.57 -6.32
C SER D 7 2.22 -20.83 -7.59
N GLU D 8 1.43 -19.77 -7.46
CA GLU D 8 0.99 -18.98 -8.60
C GLU D 8 2.18 -18.23 -9.19
N LEU D 9 2.09 -17.90 -10.47
CA LEU D 9 3.19 -17.25 -11.17
C LEU D 9 2.92 -15.75 -11.30
N PHE D 10 3.79 -14.95 -10.66
CA PHE D 10 3.69 -13.50 -10.67
C PHE D 10 4.96 -12.91 -11.27
N ILE D 11 4.80 -11.79 -11.98
CA ILE D 11 5.91 -11.03 -12.55
C ILE D 11 5.87 -9.64 -11.97
N ILE D 12 7.06 -9.06 -11.80
CA ILE D 12 7.22 -7.65 -11.45
C ILE D 12 8.16 -7.04 -12.48
N THR D 13 7.75 -5.91 -13.05
CA THR D 13 8.53 -5.22 -14.07
C THR D 13 8.69 -3.75 -13.69
N ARG D 14 9.72 -3.12 -14.24
CA ARG D 14 9.88 -1.68 -14.14
C ARG D 14 9.89 -1.05 -15.52
N GLY D 15 9.07 -0.02 -15.69
CA GLY D 15 9.02 0.72 -16.93
C GLY D 15 8.16 0.05 -17.97
N PRO D 16 7.98 0.71 -19.12
CA PRO D 16 7.11 0.17 -20.16
C PRO D 16 7.80 -0.97 -20.91
N GLY D 17 6.98 -1.79 -21.56
CA GLY D 17 7.50 -2.91 -22.31
C GLY D 17 6.39 -3.89 -22.62
N LYS D 18 6.82 -5.09 -23.06
N LYS D 18 6.80 -5.08 -23.06
CA LYS D 18 5.93 -6.16 -23.46
CA LYS D 18 5.82 -6.11 -23.34
C LYS D 18 6.35 -7.44 -22.74
C LYS D 18 6.30 -7.44 -22.80
N LEU D 19 5.40 -8.12 -22.11
CA LEU D 19 5.60 -9.47 -21.61
C LEU D 19 4.96 -10.42 -22.61
N THR D 20 5.74 -11.33 -23.19
CA THR D 20 5.22 -12.23 -24.22
C THR D 20 5.18 -13.64 -23.66
N LEU D 21 4.03 -14.29 -23.81
CA LEU D 21 3.82 -15.65 -23.35
C LEU D 21 3.65 -16.56 -24.55
N LEU D 22 4.43 -17.63 -24.58
CA LEU D 22 4.34 -18.72 -25.55
C LEU D 22 3.76 -19.93 -24.84
N THR D 23 2.59 -20.36 -25.32
CA THR D 23 1.87 -21.51 -24.77
C THR D 23 2.04 -22.65 -25.77
N TRP D 24 2.67 -23.74 -25.33
CA TRP D 24 3.06 -24.79 -26.28
C TRP D 24 3.00 -26.14 -25.58
N GLY D 25 3.48 -27.17 -26.25
CA GLY D 25 3.34 -28.49 -25.67
C GLY D 25 1.89 -28.90 -25.61
N GLY D 26 1.10 -28.46 -26.59
CA GLY D 26 -0.32 -28.76 -26.57
C GLY D 26 -0.59 -30.25 -26.72
N LEU D 27 -1.53 -30.73 -25.91
CA LEU D 27 -2.10 -32.05 -26.07
C LEU D 27 -3.16 -31.99 -27.17
N ASN D 28 -3.64 -33.15 -27.58
CA ASN D 28 -4.75 -33.22 -28.52
C ASN D 28 -4.51 -32.40 -29.80
N ASN D 29 -3.26 -32.37 -30.27
CA ASN D 29 -2.91 -31.71 -31.53
C ASN D 29 -3.14 -30.19 -31.51
N LEU D 30 -3.17 -29.57 -30.34
CA LEU D 30 -3.44 -28.14 -30.27
C LEU D 30 -2.24 -27.31 -30.72
N ARG D 31 -2.53 -26.25 -31.48
CA ARG D 31 -1.47 -25.37 -31.96
C ARG D 31 -0.88 -24.54 -30.82
N SER D 32 0.41 -24.23 -30.92
CA SER D 32 1.03 -23.31 -29.99
C SER D 32 0.57 -21.88 -30.23
N VAL D 33 0.60 -21.07 -29.16
CA VAL D 33 0.09 -19.70 -29.17
C VAL D 33 1.17 -18.78 -28.62
N ILE D 34 1.30 -17.60 -29.22
CA ILE D 34 2.21 -16.58 -28.72
C ILE D 34 1.44 -15.27 -28.65
N GLY D 35 1.62 -14.54 -27.55
CA GLY D 35 1.00 -13.23 -27.46
C GLY D 35 1.77 -12.30 -26.56
N ALA D 36 2.00 -11.08 -27.06
CA ALA D 36 2.64 -10.02 -26.31
C ALA D 36 1.58 -9.18 -25.62
N ILE D 37 1.82 -8.90 -24.34
CA ILE D 37 0.98 -8.08 -23.49
C ILE D 37 1.77 -6.81 -23.16
N PRO D 38 1.37 -5.65 -23.67
CA PRO D 38 2.11 -4.42 -23.42
C PRO D 38 1.66 -3.73 -22.15
N THR D 39 2.59 -2.99 -21.55
CA THR D 39 2.24 -2.00 -20.53
C THR D 39 2.92 -0.69 -20.89
N GLU D 40 2.22 0.41 -20.61
CA GLU D 40 2.77 1.75 -20.75
C GLU D 40 3.15 2.34 -19.40
N ASN D 41 3.00 1.59 -18.31
CA ASN D 41 3.36 2.12 -17.00
C ASN D 41 4.84 2.48 -16.95
N THR D 42 5.15 3.61 -16.32
CA THR D 42 6.54 4.03 -16.18
C THR D 42 7.20 3.49 -14.91
N GLY D 43 6.42 3.11 -13.92
CA GLY D 43 6.97 2.57 -12.70
C GLY D 43 6.88 1.06 -12.65
N VAL D 44 6.59 0.56 -11.46
CA VAL D 44 6.54 -0.87 -11.22
C VAL D 44 5.17 -1.40 -11.61
N THR D 45 5.16 -2.47 -12.40
CA THR D 45 3.93 -3.18 -12.75
C THR D 45 4.00 -4.59 -12.18
N LYS D 46 2.87 -5.04 -11.62
N LYS D 46 2.88 -5.04 -11.61
CA LYS D 46 2.73 -6.39 -11.11
CA LYS D 46 2.75 -6.40 -11.12
C LYS D 46 1.84 -7.15 -12.09
C LYS D 46 1.84 -7.15 -12.09
N TRP D 47 2.13 -8.44 -12.29
CA TRP D 47 1.45 -9.25 -13.29
C TRP D 47 1.10 -10.62 -12.71
N ALA D 48 0.01 -11.19 -13.21
CA ALA D 48 -0.33 -12.59 -12.95
C ALA D 48 -0.30 -13.31 -14.29
N VAL D 49 0.41 -14.43 -14.34
CA VAL D 49 0.55 -15.23 -15.56
C VAL D 49 -0.11 -16.57 -15.32
N SER D 50 -1.00 -16.96 -16.22
CA SER D 50 -1.73 -18.20 -16.13
C SER D 50 -1.28 -19.18 -17.19
N PHE D 51 -1.42 -20.46 -16.88
CA PHE D 51 -1.41 -21.50 -17.89
C PHE D 51 -2.78 -21.56 -18.58
N SER D 52 -2.86 -22.40 -19.62
CA SER D 52 -4.11 -22.82 -20.22
C SER D 52 -4.21 -24.33 -20.08
N HIS D 53 -5.39 -24.83 -19.74
CA HIS D 53 -5.57 -26.27 -19.72
C HIS D 53 -5.25 -26.84 -21.09
N ASN D 54 -4.73 -28.07 -21.10
CA ASN D 54 -4.39 -28.85 -22.28
C ASN D 54 -3.06 -28.50 -22.92
N TYR D 55 -2.29 -27.59 -22.33
CA TYR D 55 -0.93 -27.32 -22.74
C TYR D 55 0.04 -27.67 -21.63
N THR D 56 1.27 -28.03 -22.01
CA THR D 56 2.24 -28.52 -21.05
C THR D 56 3.54 -27.72 -21.00
N ARG D 57 3.67 -26.67 -21.79
CA ARG D 57 4.86 -25.83 -21.77
C ARG D 57 4.46 -24.36 -21.82
N PHE D 58 5.08 -23.55 -20.97
CA PHE D 58 4.78 -22.13 -20.87
C PHE D 58 6.09 -21.39 -20.80
N SER D 59 6.35 -20.55 -21.78
CA SER D 59 7.62 -19.83 -21.88
C SER D 59 7.34 -18.35 -22.04
N PHE D 60 8.18 -17.53 -21.41
CA PHE D 60 7.91 -16.10 -21.44
C PHE D 60 9.21 -15.31 -21.43
N ILE D 61 9.13 -14.13 -22.06
CA ILE D 61 10.19 -13.14 -22.01
C ILE D 61 9.60 -11.77 -21.76
N TRP D 62 10.47 -10.87 -21.30
CA TRP D 62 10.17 -9.45 -21.18
C TRP D 62 11.03 -8.67 -22.14
N GLU D 63 10.42 -7.71 -22.84
CA GLU D 63 11.12 -6.77 -23.70
C GLU D 63 10.82 -5.36 -23.22
N GLY D 64 11.85 -4.66 -22.80
CA GLY D 64 11.70 -3.33 -22.25
C GLY D 64 13.04 -2.86 -21.74
N GLN D 65 13.18 -1.55 -21.49
CA GLN D 65 14.44 -1.01 -21.00
C GLN D 65 14.70 -1.39 -19.55
N GLY D 66 13.66 -1.72 -18.77
CA GLY D 66 13.80 -1.97 -17.36
C GLY D 66 13.81 -3.45 -16.97
N GLU D 67 13.96 -3.67 -15.67
N GLU D 67 13.96 -3.67 -15.67
N GLU D 67 13.97 -3.67 -15.67
CA GLU D 67 14.08 -5.01 -15.14
CA GLU D 67 14.09 -5.02 -15.13
CA GLU D 67 14.10 -5.02 -15.11
C GLU D 67 12.75 -5.75 -15.16
C GLU D 67 12.75 -5.75 -15.16
C GLU D 67 12.75 -5.74 -15.07
N ALA D 68 12.84 -7.07 -15.01
CA ALA D 68 11.67 -7.94 -14.87
C ALA D 68 12.11 -9.17 -14.10
N CYS D 69 11.34 -9.54 -13.06
CA CYS D 69 11.59 -10.73 -12.24
C CYS D 69 10.28 -11.47 -12.04
N TYR D 70 10.38 -12.78 -11.77
CA TYR D 70 9.23 -13.58 -11.38
C TYR D 70 9.31 -13.96 -9.91
N GLN D 71 8.13 -14.15 -9.33
CA GLN D 71 7.93 -14.60 -7.96
C GLN D 71 6.91 -15.71 -7.99
N ILE D 72 7.12 -16.74 -7.18
CA ILE D 72 6.22 -17.90 -7.12
C ILE D 72 5.41 -17.83 -5.82
N GLY D 73 4.09 -17.75 -5.95
CA GLY D 73 3.24 -17.66 -4.77
C GLY D 73 3.58 -16.46 -3.92
N ASN D 74 3.47 -16.63 -2.60
CA ASN D 74 3.91 -15.60 -1.66
C ASN D 74 5.36 -15.81 -1.25
N GLY D 75 6.11 -16.60 -2.02
CA GLY D 75 7.53 -16.69 -1.79
C GLY D 75 8.20 -15.33 -1.90
N LEU D 76 9.35 -15.21 -1.24
CA LEU D 76 10.05 -13.93 -1.19
C LEU D 76 11.07 -13.77 -2.32
N THR D 77 11.59 -14.85 -2.88
CA THR D 77 12.58 -14.74 -3.95
C THR D 77 11.99 -14.12 -5.20
N ARG D 78 12.76 -13.28 -5.86
CA ARG D 78 12.42 -12.72 -7.17
C ARG D 78 13.63 -12.89 -8.06
N SER D 79 13.43 -13.50 -9.21
CA SER D 79 14.53 -13.88 -10.08
C SER D 79 14.30 -13.37 -11.49
N PRO D 80 15.37 -13.02 -12.21
CA PRO D 80 15.19 -12.37 -13.51
C PRO D 80 14.45 -13.23 -14.53
N VAL D 81 13.60 -12.55 -15.30
CA VAL D 81 12.88 -13.13 -16.42
C VAL D 81 13.79 -13.14 -17.65
N GLY D 82 13.63 -14.16 -18.48
CA GLY D 82 14.36 -14.21 -19.74
C GLY D 82 14.00 -13.06 -20.65
N ARG D 83 14.94 -12.73 -21.55
CA ARG D 83 14.81 -11.56 -22.41
C ARG D 83 14.93 -11.90 -23.88
N SER D 84 15.18 -13.17 -24.22
N SER D 84 15.18 -13.17 -24.22
CA SER D 84 15.21 -13.64 -25.59
CA SER D 84 15.26 -13.65 -25.59
C SER D 84 14.69 -15.07 -25.60
C SER D 84 14.70 -15.07 -25.60
N TRP D 85 14.12 -15.49 -26.73
CA TRP D 85 13.55 -16.84 -26.81
C TRP D 85 14.60 -17.93 -26.68
N SER D 86 15.85 -17.65 -27.01
CA SER D 86 16.90 -18.65 -26.84
C SER D 86 17.27 -18.87 -25.38
N SER D 87 16.81 -18.02 -24.47
CA SER D 87 17.02 -18.17 -23.05
C SER D 87 15.75 -17.81 -22.29
N SER D 88 14.62 -18.28 -22.80
CA SER D 88 13.33 -17.91 -22.23
C SER D 88 13.18 -18.46 -20.82
N SER D 89 12.36 -17.78 -20.02
CA SER D 89 11.88 -18.40 -18.80
C SER D 89 10.84 -19.43 -19.18
N THR D 90 11.02 -20.68 -18.74
CA THR D 90 10.14 -21.76 -19.17
C THR D 90 9.70 -22.59 -17.99
N ILE D 91 8.43 -22.99 -18.04
CA ILE D 91 7.86 -23.91 -17.07
C ILE D 91 7.34 -25.13 -17.82
N HIS D 92 7.85 -26.29 -17.45
CA HIS D 92 7.24 -27.55 -17.86
C HIS D 92 6.10 -27.87 -16.90
N TRP D 93 4.93 -28.18 -17.43
CA TRP D 93 3.80 -28.47 -16.55
C TRP D 93 4.18 -29.56 -15.54
N GLY D 94 3.93 -29.27 -14.27
CA GLY D 94 4.26 -30.16 -13.17
C GLY D 94 5.56 -29.83 -12.49
N SER D 95 6.36 -28.94 -13.07
CA SER D 95 7.60 -28.52 -12.46
C SER D 95 7.36 -27.43 -11.42
N SER D 96 8.22 -27.41 -10.41
CA SER D 96 8.20 -26.40 -9.37
C SER D 96 9.19 -25.28 -9.64
N THR D 97 9.90 -25.34 -10.75
CA THR D 97 11.00 -24.43 -11.06
C THR D 97 10.81 -23.82 -12.44
N VAL D 98 11.14 -22.54 -12.54
CA VAL D 98 11.32 -21.89 -13.83
C VAL D 98 12.73 -22.20 -14.30
N ILE D 99 12.86 -22.71 -15.51
CA ILE D 99 14.16 -23.03 -16.08
C ILE D 99 14.43 -22.10 -17.26
N THR D 100 15.68 -22.10 -17.73
CA THR D 100 16.04 -21.41 -18.95
C THR D 100 15.97 -22.40 -20.11
N GLU D 101 15.19 -22.07 -21.13
CA GLU D 101 15.02 -23.00 -22.24
C GLU D 101 14.96 -22.24 -23.57
N ASP D 102 15.65 -22.80 -24.56
CA ASP D 102 15.65 -22.28 -25.92
C ASP D 102 14.40 -22.79 -26.64
N VAL D 103 13.45 -21.88 -26.86
CA VAL D 103 12.21 -22.19 -27.54
C VAL D 103 12.10 -21.50 -28.90
N THR D 104 13.25 -21.09 -29.47
CA THR D 104 13.24 -20.43 -30.76
C THR D 104 12.56 -21.27 -31.84
N SER D 105 12.67 -22.60 -31.77
CA SER D 105 12.11 -23.43 -32.83
C SER D 105 10.58 -23.41 -32.83
N VAL D 106 9.97 -23.04 -31.70
CA VAL D 106 8.52 -23.05 -31.55
C VAL D 106 7.90 -21.75 -32.05
N VAL D 107 8.65 -20.65 -31.95
CA VAL D 107 8.02 -19.33 -32.05
C VAL D 107 7.40 -19.05 -33.42
N PRO D 108 8.08 -19.30 -34.54
CA PRO D 108 7.53 -18.82 -35.83
C PRO D 108 6.20 -19.44 -36.20
N GLY D 109 5.95 -20.67 -35.78
CA GLY D 109 4.73 -21.36 -36.12
C GLY D 109 3.58 -21.13 -35.18
N ALA D 110 3.82 -20.46 -34.07
CA ALA D 110 2.75 -20.26 -33.10
C ALA D 110 1.74 -19.25 -33.62
N VAL D 111 0.48 -19.44 -33.22
CA VAL D 111 -0.60 -18.55 -33.60
C VAL D 111 -0.48 -17.26 -32.80
N ASN D 112 -0.58 -16.12 -33.46
CA ASN D 112 -0.43 -14.84 -32.77
C ASN D 112 -1.72 -14.45 -32.07
N ARG D 113 -1.61 -14.20 -30.76
CA ARG D 113 -2.71 -13.71 -29.93
C ARG D 113 -2.25 -12.55 -29.07
N ASP D 114 -1.57 -11.61 -29.71
CA ASP D 114 -1.14 -10.40 -29.01
C ASP D 114 -2.36 -9.75 -28.37
N LYS D 115 -2.19 -9.28 -27.14
CA LYS D 115 -3.22 -8.62 -26.34
C LYS D 115 -4.38 -9.54 -25.98
N VAL D 116 -4.27 -10.85 -26.23
CA VAL D 116 -5.34 -11.79 -25.91
C VAL D 116 -4.74 -13.15 -25.59
N THR D 117 -3.81 -13.17 -24.64
CA THR D 117 -3.35 -14.42 -24.06
C THR D 117 -3.30 -14.26 -22.55
N THR D 118 -2.85 -15.31 -21.89
CA THR D 118 -3.15 -15.53 -20.47
C THR D 118 -2.11 -14.93 -19.53
N ALA D 119 -1.77 -13.67 -19.75
CA ALA D 119 -0.90 -12.93 -18.86
C ALA D 119 -1.50 -11.54 -18.70
N TYR D 120 -1.53 -11.03 -17.47
CA TYR D 120 -2.34 -9.88 -17.12
C TYR D 120 -1.60 -8.94 -16.19
N ALA D 121 -1.50 -7.67 -16.58
CA ALA D 121 -1.01 -6.64 -15.69
C ALA D 121 -2.10 -6.24 -14.70
N LEU D 122 -1.70 -6.09 -13.45
CA LEU D 122 -2.62 -5.67 -12.43
C LEU D 122 -2.81 -4.16 -12.49
N PRO D 123 -4.02 -3.68 -12.21
CA PRO D 123 -4.30 -2.25 -12.35
C PRO D 123 -3.92 -1.48 -11.08
N ASP D 124 -3.93 -0.16 -11.21
CA ASP D 124 -3.60 0.73 -10.11
C ASP D 124 -4.67 0.76 -9.02
N ASN D 125 -5.85 0.20 -9.27
CA ASN D 125 -6.95 0.26 -8.32
C ASN D 125 -7.38 -1.13 -7.84
N LEU D 126 -6.45 -2.07 -7.77
N LEU D 126 -6.46 -2.08 -7.80
CA LEU D 126 -6.70 -3.37 -7.16
CA LEU D 126 -6.73 -3.39 -7.22
C LEU D 126 -5.72 -3.53 -6.00
C LEU D 126 -5.75 -3.61 -6.06
N ALA E 1 15.12 4.25 24.18
CA ALA E 1 16.24 4.99 23.59
C ALA E 1 16.16 4.87 22.08
N ILE E 2 16.29 6.00 21.38
CA ILE E 2 16.26 5.98 19.93
C ILE E 2 17.39 5.12 19.40
N PHE E 3 17.12 4.43 18.30
CA PHE E 3 17.97 3.50 17.56
C PHE E 3 17.90 2.08 18.11
N HIS E 4 17.38 1.86 19.30
CA HIS E 4 17.12 0.50 19.76
C HIS E 4 15.89 -0.04 19.05
N THR E 5 15.80 -1.37 18.99
CA THR E 5 14.59 -2.00 18.47
C THR E 5 13.36 -1.42 19.15
N GLY E 6 12.37 -1.06 18.33
CA GLY E 6 11.16 -0.42 18.80
C GLY E 6 11.19 1.08 18.74
N SER E 7 12.36 1.69 18.62
CA SER E 7 12.56 3.14 18.57
C SER E 7 13.47 3.52 17.42
N GLU E 8 13.23 2.89 16.27
CA GLU E 8 13.99 3.17 15.06
C GLU E 8 13.66 4.55 14.52
N LEU E 9 14.61 5.14 13.80
CA LEU E 9 14.49 6.51 13.31
C LEU E 9 14.12 6.51 11.82
N PHE E 10 12.93 7.02 11.52
CA PHE E 10 12.44 7.16 10.16
C PHE E 10 12.19 8.62 9.84
N ILE E 11 12.41 8.96 8.57
CA ILE E 11 12.16 10.29 8.05
C ILE E 11 11.16 10.18 6.92
N ILE E 12 10.33 11.20 6.77
CA ILE E 12 9.41 11.34 5.65
C ILE E 12 9.63 12.74 5.09
N THR E 13 9.83 12.84 3.78
CA THR E 13 10.05 14.12 3.11
C THR E 13 9.14 14.23 1.91
N ARG E 14 8.95 15.46 1.43
CA ARG E 14 8.22 15.73 0.20
C ARG E 14 9.11 16.51 -0.75
N GLY E 15 9.21 16.03 -1.99
CA GLY E 15 9.96 16.70 -3.01
C GLY E 15 11.43 16.38 -2.96
N PRO E 16 12.19 16.88 -3.92
CA PRO E 16 13.61 16.57 -3.98
C PRO E 16 14.39 17.37 -2.93
N GLY E 17 15.55 16.84 -2.58
CA GLY E 17 16.41 17.53 -1.65
C GLY E 17 17.47 16.59 -1.12
N LYS E 18 18.19 17.06 -0.12
CA LYS E 18 19.22 16.24 0.49
C LYS E 18 19.04 16.19 2.00
N LEU E 19 19.13 14.98 2.52
CA LEU E 19 19.15 14.75 3.97
C LEU E 19 20.60 14.55 4.34
N THR E 20 21.11 15.35 5.26
CA THR E 20 22.53 15.32 5.61
C THR E 20 22.67 14.86 7.04
N LEU E 21 23.51 13.85 7.24
CA LEU E 21 23.78 13.27 8.55
C LEU E 21 25.21 13.58 8.98
N LEU E 22 25.32 14.13 10.18
CA LEU E 22 26.58 14.42 10.86
C LEU E 22 26.71 13.41 11.99
N THR E 23 27.72 12.55 11.90
CA THR E 23 28.02 11.52 12.89
C THR E 23 29.23 11.99 13.67
N TRP E 24 29.06 12.20 14.98
CA TRP E 24 30.12 12.85 15.74
C TRP E 24 30.15 12.33 17.17
N GLY E 25 30.96 12.98 18.00
CA GLY E 25 31.15 12.46 19.35
C GLY E 25 31.75 11.07 19.34
N GLY E 26 32.71 10.83 18.44
CA GLY E 26 33.30 9.51 18.35
C GLY E 26 34.20 9.20 19.53
N LEU E 27 34.13 7.95 19.97
CA LEU E 27 35.09 7.43 20.93
C LEU E 27 36.39 7.11 20.22
N ASN E 28 37.44 6.85 21.00
CA ASN E 28 38.70 6.31 20.47
C ASN E 28 39.33 7.21 19.40
N ASN E 29 39.19 8.53 19.55
CA ASN E 29 39.74 9.51 18.61
C ASN E 29 39.09 9.45 17.23
N LEU E 30 37.92 8.84 17.09
CA LEU E 30 37.34 8.66 15.76
C LEU E 30 36.88 10.00 15.16
N ARG E 31 37.18 10.18 13.87
CA ARG E 31 36.83 11.42 13.19
C ARG E 31 35.34 11.49 12.89
N SER E 32 34.79 12.69 13.03
CA SER E 32 33.39 12.91 12.67
C SER E 32 33.21 12.86 11.16
N VAL E 33 31.99 12.50 10.76
CA VAL E 33 31.63 12.28 9.37
C VAL E 33 30.41 13.13 9.05
N ILE E 34 30.39 13.72 7.85
CA ILE E 34 29.19 14.41 7.36
C ILE E 34 28.91 13.91 5.96
N GLY E 35 27.66 13.57 5.68
CA GLY E 35 27.35 13.12 4.35
C GLY E 35 25.93 13.43 3.96
N ALA E 36 25.77 14.02 2.78
CA ALA E 36 24.48 14.34 2.22
C ALA E 36 23.97 13.19 1.36
N ILE E 37 22.70 12.83 1.55
CA ILE E 37 22.05 11.78 0.79
C ILE E 37 20.95 12.45 -0.04
N PRO E 38 21.06 12.48 -1.36
CA PRO E 38 20.05 13.16 -2.17
C PRO E 38 18.90 12.24 -2.54
N THR E 39 17.74 12.86 -2.73
CA THR E 39 16.63 12.23 -3.43
C THR E 39 16.16 13.16 -4.55
N GLU E 40 15.78 12.57 -5.68
CA GLU E 40 15.16 13.29 -6.78
C GLU E 40 13.67 13.06 -6.84
N ASN E 41 13.10 12.29 -5.90
CA ASN E 41 11.67 12.03 -5.92
C ASN E 41 10.88 13.33 -5.82
N THR E 42 9.81 13.44 -6.62
CA THR E 42 8.98 14.63 -6.58
C THR E 42 7.91 14.56 -5.50
N GLY E 43 7.54 13.36 -5.06
CA GLY E 43 6.54 13.16 -4.04
C GLY E 43 7.15 12.81 -2.70
N VAL E 44 6.50 11.88 -2.01
CA VAL E 44 6.92 11.49 -0.67
C VAL E 44 8.07 10.48 -0.75
N THR E 45 9.12 10.73 0.03
CA THR E 45 10.18 9.75 0.24
C THR E 45 10.19 9.38 1.71
N LYS E 46 10.31 8.08 1.96
CA LYS E 46 10.51 7.52 3.28
C LYS E 46 11.96 7.09 3.43
N TRP E 47 12.48 7.23 4.65
CA TRP E 47 13.88 7.01 4.89
C TRP E 47 14.09 6.31 6.22
N ALA E 48 15.18 5.55 6.31
CA ALA E 48 15.64 4.98 7.56
C ALA E 48 17.01 5.58 7.85
N VAL E 49 17.20 6.09 9.06
CA VAL E 49 18.47 6.68 9.49
C VAL E 49 19.07 5.82 10.58
N SER E 50 20.33 5.47 10.41
CA SER E 50 21.01 4.61 11.36
C SER E 50 22.12 5.39 12.06
N PHE E 51 22.43 4.93 13.27
CA PHE E 51 23.67 5.30 13.93
C PHE E 51 24.82 4.46 13.38
N SER E 52 26.04 4.82 13.80
CA SER E 52 27.22 3.96 13.65
C SER E 52 27.72 3.64 15.05
N HIS E 53 28.07 2.38 15.29
CA HIS E 53 28.73 2.02 16.54
C HIS E 53 29.95 2.90 16.73
N ASN E 54 30.24 3.22 18.01
CA ASN E 54 31.39 3.99 18.48
C ASN E 54 31.23 5.49 18.37
N TYR E 55 30.05 5.98 17.99
CA TYR E 55 29.78 7.41 17.99
C TYR E 55 28.61 7.69 18.93
N THR E 56 28.61 8.89 19.52
CA THR E 56 27.64 9.23 20.55
C THR E 56 26.72 10.39 20.21
N ARG E 57 26.90 11.00 19.04
CA ARG E 57 26.04 12.11 18.62
C ARG E 57 25.67 11.95 17.15
N PHE E 58 24.39 12.16 16.84
CA PHE E 58 23.88 12.02 15.48
C PHE E 58 22.99 13.21 15.19
N SER E 59 23.36 14.01 14.20
CA SER E 59 22.66 15.26 13.91
C SER E 59 22.32 15.29 12.43
N PHE E 60 21.13 15.78 12.10
CA PHE E 60 20.72 15.76 10.71
C PHE E 60 19.85 16.96 10.40
N ILE E 61 19.91 17.35 9.13
CA ILE E 61 19.07 18.40 8.57
C ILE E 61 18.53 17.94 7.22
N TRP E 62 17.45 18.58 6.82
CA TRP E 62 16.92 18.45 5.48
C TRP E 62 17.10 19.78 4.76
N GLU E 63 17.62 19.69 3.55
CA GLU E 63 17.80 20.83 2.66
C GLU E 63 16.97 20.55 1.43
N GLY E 64 15.85 21.23 1.32
CA GLY E 64 14.94 20.99 0.23
C GLY E 64 13.79 21.93 0.45
N GLN E 65 13.07 22.21 -0.64
CA GLN E 65 11.99 23.17 -0.50
C GLN E 65 10.82 22.61 0.28
N GLY E 66 10.63 21.29 0.25
CA GLY E 66 9.46 20.68 0.84
C GLY E 66 9.62 20.32 2.30
N GLU E 67 8.54 19.77 2.84
CA GLU E 67 8.50 19.39 4.25
C GLU E 67 9.36 18.16 4.53
N ALA E 68 9.74 18.03 5.80
CA ALA E 68 10.47 16.87 6.29
C ALA E 68 10.15 16.69 7.76
N CYS E 69 9.81 15.45 8.14
CA CYS E 69 9.46 15.08 9.50
C CYS E 69 10.10 13.76 9.85
N TYR E 70 10.28 13.53 11.14
CA TYR E 70 10.76 12.25 11.65
C TYR E 70 9.66 11.55 12.46
N GLN E 71 9.75 10.23 12.48
CA GLN E 71 8.88 9.32 13.22
C GLN E 71 9.77 8.32 13.95
N ILE E 72 9.43 8.01 15.20
CA ILE E 72 10.19 7.05 16.00
C ILE E 72 9.40 5.74 16.08
N GLY E 73 9.99 4.67 15.56
CA GLY E 73 9.34 3.37 15.64
C GLY E 73 8.02 3.41 14.90
N ASN E 74 7.02 2.71 15.45
CA ASN E 74 5.66 2.76 14.92
C ASN E 74 4.81 3.80 15.60
N GLY E 75 5.46 4.75 16.27
CA GLY E 75 4.72 5.88 16.82
C GLY E 75 4.01 6.65 15.73
N LEU E 76 2.90 7.30 16.12
CA LEU E 76 2.11 8.02 15.14
C LEU E 76 2.59 9.45 14.91
N THR E 77 3.25 10.05 15.90
CA THR E 77 3.65 11.45 15.76
C THR E 77 4.72 11.59 14.69
N ARG E 78 4.62 12.68 13.93
CA ARG E 78 5.64 13.07 12.96
C ARG E 78 5.95 14.53 13.22
N SER E 79 7.23 14.83 13.45
CA SER E 79 7.67 16.15 13.88
C SER E 79 8.73 16.70 12.94
N PRO E 80 8.74 18.02 12.73
CA PRO E 80 9.65 18.58 11.72
C PRO E 80 11.13 18.33 12.02
N VAL E 81 11.86 18.02 10.96
CA VAL E 81 13.31 17.91 10.98
C VAL E 81 13.95 19.29 10.87
N GLY E 82 15.10 19.45 11.51
CA GLY E 82 15.83 20.71 11.39
C GLY E 82 16.26 21.00 9.98
N ARG E 83 16.42 22.29 9.67
CA ARG E 83 16.72 22.76 8.34
C ARG E 83 18.00 23.57 8.26
N SER E 84 18.71 23.73 9.38
CA SER E 84 20.02 24.36 9.40
C SER E 84 20.80 23.76 10.56
N TRP E 85 22.13 23.79 10.45
CA TRP E 85 22.94 23.17 11.49
C TRP E 85 22.81 23.85 12.85
N SER E 86 22.44 25.14 12.90
CA SER E 86 22.24 25.81 14.19
C SER E 86 20.96 25.32 14.88
N SER E 87 20.04 24.72 14.15
N SER E 87 20.05 24.70 14.14
CA SER E 87 18.83 24.11 14.72
CA SER E 87 18.81 24.12 14.67
C SER E 87 18.65 22.70 14.17
C SER E 87 18.65 22.68 14.19
N SER E 88 19.72 21.90 14.24
CA SER E 88 19.69 20.56 13.68
C SER E 88 18.82 19.64 14.53
N SER E 89 18.31 18.58 13.92
CA SER E 89 17.75 17.47 14.68
C SER E 89 18.91 16.64 15.24
N THR E 90 18.98 16.48 16.55
CA THR E 90 20.12 15.79 17.15
C THR E 90 19.67 14.74 18.15
N ILE E 91 20.40 13.62 18.18
CA ILE E 91 20.18 12.55 19.14
C ILE E 91 21.49 12.34 19.89
N HIS E 92 21.44 12.49 21.21
CA HIS E 92 22.52 12.05 22.06
C HIS E 92 22.33 10.57 22.34
N TRP E 93 23.38 9.79 22.13
CA TRP E 93 23.26 8.36 22.33
C TRP E 93 22.73 8.06 23.73
N GLY E 94 21.66 7.26 23.78
CA GLY E 94 20.98 6.91 25.01
C GLY E 94 19.69 7.66 25.23
N SER E 95 19.47 8.76 24.53
CA SER E 95 18.28 9.56 24.68
C SER E 95 17.12 8.94 23.93
N SER E 96 15.92 9.20 24.41
CA SER E 96 14.69 8.82 23.74
C SER E 96 14.08 9.98 22.98
N THR E 97 14.77 11.12 22.90
CA THR E 97 14.22 12.33 22.32
C THR E 97 15.14 12.89 21.25
N VAL E 98 14.54 13.37 20.17
CA VAL E 98 15.25 14.17 19.18
C VAL E 98 15.15 15.62 19.63
N ILE E 99 16.29 16.25 19.89
CA ILE E 99 16.34 17.62 20.36
C ILE E 99 16.82 18.51 19.22
N THR E 100 16.65 19.82 19.40
CA THR E 100 17.15 20.81 18.46
C THR E 100 18.46 21.34 19.01
N GLU E 101 19.55 21.14 18.27
CA GLU E 101 20.88 21.46 18.77
C GLU E 101 21.71 22.15 17.72
N ASP E 102 22.46 23.16 18.14
CA ASP E 102 23.39 23.87 17.26
C ASP E 102 24.71 23.10 17.21
N VAL E 103 25.01 22.52 16.03
CA VAL E 103 26.22 21.76 15.80
C VAL E 103 27.14 22.46 14.81
N THR E 104 26.98 23.77 14.63
CA THR E 104 27.78 24.47 13.63
C THR E 104 29.29 24.35 13.89
N SER E 105 29.72 24.25 15.15
CA SER E 105 31.14 24.13 15.41
C SER E 105 31.70 22.73 15.13
N VAL E 106 30.84 21.74 14.96
CA VAL E 106 31.27 20.37 14.65
C VAL E 106 31.45 20.16 13.16
N VAL E 107 30.70 20.91 12.35
CA VAL E 107 30.64 20.63 10.92
C VAL E 107 31.97 20.82 10.20
N PRO E 108 32.72 21.91 10.42
CA PRO E 108 33.90 22.16 9.60
C PRO E 108 34.95 21.09 9.68
N GLY E 109 35.09 20.43 10.82
CA GLY E 109 36.08 19.41 10.95
C GLY E 109 35.69 18.02 10.49
N ALA E 110 34.47 17.82 9.98
CA ALA E 110 34.02 16.48 9.65
C ALA E 110 34.49 16.06 8.26
N VAL E 111 34.74 14.75 8.12
CA VAL E 111 35.13 14.12 6.85
C VAL E 111 33.89 13.97 5.98
N ASN E 112 34.00 14.37 4.72
CA ASN E 112 32.87 14.30 3.79
C ASN E 112 32.67 12.87 3.31
N ARG E 113 31.45 12.34 3.49
CA ARG E 113 31.05 11.03 3.00
C ARG E 113 29.69 11.12 2.29
N ASP E 114 29.56 12.13 1.42
CA ASP E 114 28.35 12.29 0.64
C ASP E 114 28.06 11.00 -0.12
N LYS E 115 26.79 10.59 -0.11
CA LYS E 115 26.27 9.39 -0.77
C LYS E 115 26.83 8.10 -0.16
N VAL E 116 27.50 8.19 0.98
CA VAL E 116 28.07 7.02 1.63
C VAL E 116 28.11 7.22 3.14
N THR E 117 26.94 7.56 3.70
CA THR E 117 26.76 7.54 5.14
C THR E 117 25.42 6.87 5.45
N THR E 118 25.09 6.81 6.73
CA THR E 118 24.13 5.82 7.24
C THR E 118 22.70 6.36 7.27
N ALA E 119 22.25 6.91 6.15
CA ALA E 119 20.87 7.32 5.95
C ALA E 119 20.44 6.87 4.56
N TYR E 120 19.24 6.31 4.46
CA TYR E 120 18.85 5.57 3.27
C TYR E 120 17.41 5.87 2.89
N ALA E 121 17.22 6.27 1.64
CA ALA E 121 15.88 6.42 1.11
C ALA E 121 15.34 5.05 0.74
N LEU E 122 14.08 4.80 1.09
CA LEU E 122 13.43 3.55 0.73
C LEU E 122 12.98 3.61 -0.72
N PRO E 123 13.05 2.47 -1.43
CA PRO E 123 12.68 2.47 -2.85
C PRO E 123 11.18 2.29 -3.02
N ASP E 124 10.75 2.51 -4.27
CA ASP E 124 9.35 2.37 -4.61
C ASP E 124 8.88 0.92 -4.62
N ASN E 125 9.78 -0.05 -4.56
CA ASN E 125 9.39 -1.45 -4.67
C ASN E 125 9.58 -2.23 -3.37
N LEU E 126 9.71 -1.54 -2.24
N LEU E 126 9.65 -1.55 -2.24
CA LEU E 126 9.80 -2.21 -0.95
CA LEU E 126 9.75 -2.23 -0.96
C LEU E 126 8.49 -1.95 -0.19
C LEU E 126 8.47 -2.01 -0.16
N ALA F 1 28.74 0.02 -5.28
CA ALA F 1 29.10 -0.65 -4.04
C ALA F 1 27.89 -0.62 -3.10
N ILE F 2 27.62 -1.76 -2.44
CA ILE F 2 26.52 -1.82 -1.51
C ILE F 2 26.75 -0.85 -0.36
N PHE F 3 25.65 -0.26 0.12
CA PHE F 3 25.54 0.72 1.18
C PHE F 3 25.66 2.17 0.72
N HIS F 4 26.15 2.38 -0.50
CA HIS F 4 26.15 3.72 -1.08
C HIS F 4 24.74 4.04 -1.55
N THR F 5 24.46 5.33 -1.70
CA THR F 5 23.17 5.75 -2.23
C THR F 5 22.93 5.06 -3.56
N GLY F 6 21.72 4.51 -3.75
CA GLY F 6 21.38 3.73 -4.91
C GLY F 6 21.56 2.24 -4.73
N SER F 7 22.34 1.81 -3.74
CA SER F 7 22.64 0.42 -3.49
C SER F 7 22.43 0.10 -2.02
N GLU F 8 21.33 0.59 -1.47
CA GLU F 8 20.98 0.36 -0.07
C GLU F 8 20.58 -1.09 0.14
N LEU F 9 20.79 -1.58 1.37
CA LEU F 9 20.55 -2.97 1.71
C LEU F 9 19.21 -3.13 2.43
N PHE F 10 18.29 -3.85 1.81
CA PHE F 10 16.97 -4.12 2.36
C PHE F 10 16.77 -5.62 2.49
N ILE F 11 16.00 -6.00 3.51
CA ILE F 11 15.67 -7.40 3.77
C ILE F 11 14.16 -7.52 3.83
N ILE F 12 13.67 -8.67 3.41
N ILE F 12 13.65 -8.66 3.39
CA ILE F 12 12.27 -9.05 3.52
CA ILE F 12 12.25 -9.01 3.56
C ILE F 12 12.23 -10.43 4.15
C ILE F 12 12.20 -10.42 4.14
N THR F 13 11.39 -10.60 5.17
CA THR F 13 11.28 -11.87 5.87
C THR F 13 9.80 -12.21 6.03
N ARG F 14 9.52 -13.48 6.29
CA ARG F 14 8.17 -13.92 6.62
C ARG F 14 8.17 -14.63 7.98
N GLY F 15 7.24 -14.24 8.83
CA GLY F 15 7.07 -14.91 10.11
C GLY F 15 8.01 -14.37 11.17
N PRO F 16 7.86 -14.84 12.39
CA PRO F 16 8.70 -14.34 13.48
C PRO F 16 10.10 -14.93 13.39
N GLY F 17 11.04 -14.18 13.96
CA GLY F 17 12.41 -14.64 13.97
C GLY F 17 13.35 -13.51 14.34
N LYS F 18 14.64 -13.78 14.16
CA LYS F 18 15.66 -12.80 14.48
C LYS F 18 16.58 -12.62 13.28
N LEU F 19 16.80 -11.38 12.90
CA LEU F 19 17.82 -11.00 11.94
C LEU F 19 19.04 -10.56 12.74
N THR F 20 20.17 -11.23 12.52
CA THR F 20 21.36 -10.92 13.30
C THR F 20 22.44 -10.34 12.39
N LEU F 21 23.03 -9.23 12.82
CA LEU F 21 24.06 -8.53 12.08
C LEU F 21 25.37 -8.60 12.86
N LEU F 22 26.41 -9.06 12.18
CA LEU F 22 27.77 -9.12 12.69
C LEU F 22 28.56 -8.06 11.95
N THR F 23 29.01 -7.05 12.69
CA THR F 23 29.81 -5.95 12.17
C THR F 23 31.25 -6.20 12.58
N TRP F 24 32.15 -6.34 11.61
CA TRP F 24 33.52 -6.78 11.93
C TRP F 24 34.53 -6.12 11.00
N GLY F 25 35.78 -6.53 11.11
CA GLY F 25 36.82 -5.86 10.34
C GLY F 25 36.98 -4.41 10.75
N GLY F 26 36.83 -4.12 12.03
CA GLY F 26 36.94 -2.75 12.49
C GLY F 26 38.35 -2.22 12.30
N LEU F 27 38.43 -0.96 11.89
CA LEU F 27 39.69 -0.25 11.86
C LEU F 27 40.25 -0.06 13.27
N ASN F 28 41.58 0.01 13.34
CA ASN F 28 42.28 0.38 14.57
C ASN F 28 41.81 -0.42 15.78
N ASN F 29 41.64 -1.72 15.59
CA ASN F 29 41.27 -2.65 16.65
C ASN F 29 39.89 -2.39 17.25
N LEU F 30 39.00 -1.67 16.57
CA LEU F 30 37.64 -1.52 17.07
C LEU F 30 36.98 -2.89 17.19
N ARG F 31 36.22 -3.07 18.27
CA ARG F 31 35.63 -4.38 18.56
C ARG F 31 34.50 -4.68 17.59
N SER F 32 34.46 -5.94 17.14
CA SER F 32 33.33 -6.41 16.38
C SER F 32 32.07 -6.41 17.25
N VAL F 33 30.91 -6.38 16.58
CA VAL F 33 29.60 -6.31 17.23
C VAL F 33 28.72 -7.38 16.63
N ILE F 34 27.95 -8.06 17.46
CA ILE F 34 26.93 -8.99 16.99
C ILE F 34 25.63 -8.64 17.69
N GLY F 35 24.55 -8.48 16.92
CA GLY F 35 23.29 -8.13 17.53
C GLY F 35 22.12 -8.71 16.77
N ALA F 36 21.25 -9.42 17.51
CA ALA F 36 20.02 -9.97 16.98
C ALA F 36 18.89 -8.97 17.12
N ILE F 37 18.13 -8.80 16.05
CA ILE F 37 16.96 -7.93 16.02
C ILE F 37 15.74 -8.83 15.85
N PRO F 38 14.86 -8.95 16.83
CA PRO F 38 13.72 -9.83 16.68
C PRO F 38 12.53 -9.14 16.02
N THR F 39 11.72 -9.95 15.35
CA THR F 39 10.38 -9.56 14.96
C THR F 39 9.40 -10.63 15.40
N GLU F 40 8.23 -10.18 15.86
CA GLU F 40 7.13 -11.07 16.18
C GLU F 40 6.05 -11.05 15.11
N ASN F 41 6.27 -10.35 13.99
CA ASN F 41 5.26 -10.32 12.95
C ASN F 41 4.99 -11.72 12.40
N THR F 42 3.70 -12.02 12.18
CA THR F 42 3.32 -13.30 11.61
C THR F 42 3.47 -13.31 10.09
N GLY F 43 3.41 -12.14 9.47
CA GLY F 43 3.52 -12.06 8.03
C GLY F 43 4.85 -11.48 7.60
N VAL F 44 4.79 -10.56 6.64
CA VAL F 44 5.98 -9.98 6.04
C VAL F 44 6.53 -8.87 6.93
N THR F 45 7.85 -8.88 7.12
CA THR F 45 8.56 -7.76 7.71
C THR F 45 9.57 -7.28 6.68
N LYS F 46 9.64 -5.97 6.51
CA LYS F 46 10.64 -5.33 5.67
C LYS F 46 11.64 -4.64 6.59
N TRP F 47 12.90 -4.61 6.14
CA TRP F 47 13.98 -4.15 6.99
C TRP F 47 14.96 -3.31 6.18
N ALA F 48 15.60 -2.36 6.86
CA ALA F 48 16.76 -1.64 6.34
C ALA F 48 17.97 -2.02 7.18
N VAL F 49 19.06 -2.39 6.52
CA VAL F 49 20.30 -2.76 7.19
C VAL F 49 21.37 -1.76 6.84
N SER F 50 22.02 -1.21 7.86
CA SER F 50 23.05 -0.20 7.68
C SER F 50 24.42 -0.75 8.05
N PHE F 51 25.44 -0.17 7.42
CA PHE F 51 26.80 -0.32 7.91
C PHE F 51 27.04 0.64 9.08
N SER F 52 28.21 0.50 9.71
CA SER F 52 28.75 1.49 10.63
C SER F 52 30.06 1.97 10.03
N HIS F 53 30.29 3.28 10.08
CA HIS F 53 31.60 3.77 9.68
C HIS F 53 32.68 3.09 10.52
N ASN F 54 33.85 2.92 9.90
CA ASN F 54 35.06 2.36 10.51
C ASN F 54 35.05 0.84 10.61
N TYR F 55 34.15 0.14 9.91
CA TYR F 55 34.18 -1.31 9.81
C TYR F 55 34.18 -1.72 8.35
N THR F 56 34.79 -2.87 8.08
CA THR F 56 35.01 -3.29 6.70
C THR F 56 34.31 -4.58 6.33
N ARG F 57 33.54 -5.18 7.24
N ARG F 57 33.61 -5.23 7.24
CA ARG F 57 32.85 -6.43 6.96
CA ARG F 57 32.80 -6.38 6.85
C ARG F 57 31.49 -6.41 7.65
C ARG F 57 31.49 -6.36 7.60
N PHE F 58 30.46 -6.88 6.94
CA PHE F 58 29.10 -6.92 7.47
C PHE F 58 28.49 -8.25 7.07
N SER F 59 28.14 -9.06 8.07
CA SER F 59 27.61 -10.38 7.82
C SER F 59 26.28 -10.50 8.54
N PHE F 60 25.33 -11.21 7.93
CA PHE F 60 24.01 -11.30 8.51
C PHE F 60 23.36 -12.64 8.20
N ILE F 61 22.54 -13.09 9.14
CA ILE F 61 21.74 -14.29 9.00
C ILE F 61 20.33 -14.03 9.49
N TRP F 62 19.41 -14.88 9.02
CA TRP F 62 18.06 -14.94 9.53
C TRP F 62 17.86 -16.28 10.23
N GLU F 63 17.31 -16.22 11.43
CA GLU F 63 16.92 -17.41 12.20
C GLU F 63 15.42 -17.34 12.41
N GLY F 64 14.71 -18.21 11.72
CA GLY F 64 13.28 -18.25 11.82
C GLY F 64 12.82 -19.34 10.88
N GLN F 65 11.60 -19.79 11.10
CA GLN F 65 11.08 -20.85 10.25
C GLN F 65 10.89 -20.38 8.81
N GLY F 66 10.64 -19.08 8.62
CA GLY F 66 10.22 -18.57 7.34
C GLY F 66 11.35 -18.08 6.46
N GLU F 67 10.96 -17.67 5.26
CA GLU F 67 11.91 -17.23 4.25
C GLU F 67 12.49 -15.87 4.61
N ALA F 68 13.63 -15.56 3.99
CA ALA F 68 14.28 -14.26 4.14
C ALA F 68 15.11 -14.00 2.89
N CYS F 69 14.94 -12.81 2.32
CA CYS F 69 15.69 -12.42 1.14
C CYS F 69 16.19 -10.99 1.29
N TYR F 70 17.23 -10.65 0.52
CA TYR F 70 17.73 -9.28 0.45
C TYR F 70 17.49 -8.70 -0.95
N GLN F 71 17.37 -7.37 -0.98
CA GLN F 71 17.19 -6.57 -2.18
C GLN F 71 18.16 -5.41 -2.09
N ILE F 72 18.79 -5.05 -3.21
CA ILE F 72 19.74 -3.95 -3.26
C ILE F 72 19.09 -2.77 -3.97
N GLY F 73 18.95 -1.67 -3.25
CA GLY F 73 18.37 -0.48 -3.88
C GLY F 73 16.95 -0.74 -4.33
N ASN F 74 16.58 -0.14 -5.46
CA ASN F 74 15.30 -0.40 -6.11
C ASN F 74 15.38 -1.54 -7.13
N GLY F 75 16.42 -2.36 -7.06
CA GLY F 75 16.48 -3.53 -7.91
C GLY F 75 15.31 -4.46 -7.64
N LEU F 76 14.88 -5.18 -8.68
CA LEU F 76 13.74 -6.08 -8.52
C LEU F 76 14.15 -7.43 -7.93
N THR F 77 15.40 -7.85 -8.13
CA THR F 77 15.82 -9.16 -7.64
C THR F 77 15.78 -9.22 -6.12
N ARG F 78 15.36 -10.38 -5.61
CA ARG F 78 15.41 -10.69 -4.19
C ARG F 78 16.02 -12.09 -4.03
N SER F 79 17.07 -12.20 -3.23
CA SER F 79 17.84 -13.43 -3.10
C SER F 79 17.94 -13.87 -1.66
N PRO F 80 18.00 -15.18 -1.41
CA PRO F 80 17.96 -15.69 -0.03
C PRO F 80 19.12 -15.20 0.84
N VAL F 81 18.76 -14.86 2.09
CA VAL F 81 19.70 -14.55 3.16
C VAL F 81 20.23 -15.84 3.78
N GLY F 82 21.50 -15.80 4.20
CA GLY F 82 22.08 -16.92 4.89
C GLY F 82 21.36 -17.24 6.19
N ARG F 83 21.46 -18.51 6.60
CA ARG F 83 20.70 -19.01 7.75
C ARG F 83 21.60 -19.57 8.84
N SER F 84 22.92 -19.48 8.67
N SER F 84 22.92 -19.51 8.67
CA SER F 84 23.89 -19.97 9.63
CA SER F 84 23.84 -19.87 9.73
C SER F 84 25.16 -19.14 9.45
C SER F 84 25.14 -19.13 9.47
N TRP F 85 25.92 -18.95 10.53
CA TRP F 85 27.18 -18.22 10.39
C TRP F 85 28.15 -18.95 9.47
N SER F 86 28.03 -20.27 9.32
N SER F 86 28.01 -20.28 9.33
CA SER F 86 28.90 -21.01 8.41
CA SER F 86 28.86 -21.03 8.41
C SER F 86 28.56 -20.77 6.95
C SER F 86 28.60 -20.66 6.96
N SER F 87 27.40 -20.18 6.66
CA SER F 87 27.01 -19.80 5.31
C SER F 87 26.31 -18.45 5.35
N SER F 88 26.96 -17.48 5.98
CA SER F 88 26.33 -16.18 6.20
C SER F 88 26.23 -15.41 4.89
N SER F 89 25.29 -14.48 4.84
CA SER F 89 25.35 -13.40 3.85
C SER F 89 26.40 -12.41 4.31
N THR F 90 27.34 -12.07 3.44
CA THR F 90 28.45 -11.20 3.83
C THR F 90 28.73 -10.16 2.76
N ILE F 91 29.07 -8.96 3.21
CA ILE F 91 29.53 -7.88 2.35
C ILE F 91 30.89 -7.43 2.84
N HIS F 92 31.88 -7.50 1.97
CA HIS F 92 33.17 -6.84 2.20
C HIS F 92 33.06 -5.40 1.72
N TRP F 93 33.45 -4.45 2.57
CA TRP F 93 33.28 -3.05 2.20
C TRP F 93 33.90 -2.75 0.84
N GLY F 94 33.15 -2.09 -0.02
CA GLY F 94 33.55 -1.79 -1.37
C GLY F 94 32.93 -2.70 -2.42
N SER F 95 32.44 -3.85 -1.99
CA SER F 95 31.85 -4.81 -2.91
C SER F 95 30.45 -4.38 -3.31
N SER F 96 30.08 -4.72 -4.54
CA SER F 96 28.72 -4.61 -5.03
C SER F 96 27.94 -5.90 -4.91
N THR F 97 28.51 -6.92 -4.27
CA THR F 97 27.97 -8.27 -4.25
C THR F 97 27.86 -8.78 -2.82
N VAL F 98 26.72 -9.38 -2.49
CA VAL F 98 26.58 -10.15 -1.26
C VAL F 98 27.10 -11.55 -1.54
N ILE F 99 28.06 -11.99 -0.73
CA ILE F 99 28.69 -13.29 -0.90
C ILE F 99 28.24 -14.22 0.22
N THR F 100 28.61 -15.49 0.10
CA THR F 100 28.40 -16.48 1.16
C THR F 100 29.75 -16.72 1.82
N GLU F 101 29.83 -16.48 3.11
CA GLU F 101 31.10 -16.64 3.81
C GLU F 101 30.90 -17.26 5.18
N ASP F 102 31.79 -18.17 5.53
CA ASP F 102 31.81 -18.79 6.85
C ASP F 102 32.51 -17.84 7.81
N VAL F 103 31.74 -17.22 8.70
CA VAL F 103 32.29 -16.26 9.65
C VAL F 103 32.24 -16.79 11.08
N THR F 104 32.13 -18.11 11.24
CA THR F 104 32.08 -18.69 12.58
C THR F 104 33.29 -18.29 13.42
N SER F 105 34.46 -18.09 12.80
CA SER F 105 35.66 -17.74 13.56
C SER F 105 35.61 -16.30 14.07
N VAL F 106 34.74 -15.46 13.51
CA VAL F 106 34.65 -14.06 13.92
C VAL F 106 33.69 -13.86 15.09
N VAL F 107 32.68 -14.72 15.18
CA VAL F 107 31.63 -14.53 16.18
C VAL F 107 32.17 -14.43 17.60
N PRO F 108 33.12 -15.26 18.04
CA PRO F 108 33.54 -15.22 19.45
C PRO F 108 34.08 -13.88 19.93
N GLY F 109 34.68 -13.09 19.04
CA GLY F 109 35.26 -11.83 19.43
C GLY F 109 34.30 -10.67 19.45
N ALA F 110 33.04 -10.86 19.05
CA ALA F 110 32.10 -9.77 18.94
C ALA F 110 31.40 -9.47 20.26
N VAL F 111 31.17 -8.18 20.52
N VAL F 111 31.21 -8.18 20.52
CA VAL F 111 30.44 -7.76 21.70
CA VAL F 111 30.43 -7.71 21.66
C VAL F 111 28.95 -7.78 21.38
C VAL F 111 28.95 -7.86 21.32
N ASN F 112 28.17 -8.42 22.26
CA ASN F 112 26.74 -8.55 22.05
C ASN F 112 26.03 -7.22 22.22
N ARG F 113 25.28 -6.84 21.19
CA ARG F 113 24.42 -5.66 21.18
C ARG F 113 23.06 -6.02 20.61
N ASP F 114 22.47 -7.11 21.12
CA ASP F 114 21.13 -7.48 20.73
C ASP F 114 20.19 -6.30 20.95
N LYS F 115 19.29 -6.09 19.98
CA LYS F 115 18.30 -5.02 19.99
C LYS F 115 18.92 -3.63 19.90
N VAL F 116 20.24 -3.54 19.66
N VAL F 116 20.21 -3.50 19.62
CA VAL F 116 20.99 -2.29 19.65
CA VAL F 116 20.82 -2.17 19.53
C VAL F 116 22.12 -2.39 18.61
C VAL F 116 22.01 -2.22 18.57
N THR F 117 21.76 -2.75 17.38
CA THR F 117 22.70 -2.67 16.26
C THR F 117 21.97 -2.17 15.03
N THR F 118 22.69 -2.08 13.92
CA THR F 118 22.29 -1.22 12.81
C THR F 118 21.43 -1.95 11.78
N ALA F 119 20.38 -2.63 12.24
CA ALA F 119 19.41 -3.28 11.37
C ALA F 119 18.05 -2.99 11.96
N TYR F 120 17.09 -2.63 11.11
CA TYR F 120 15.86 -2.01 11.58
C TYR F 120 14.66 -2.55 10.83
N ALA F 121 13.67 -3.05 11.58
CA ALA F 121 12.40 -3.45 10.98
C ALA F 121 11.54 -2.22 10.73
N LEU F 122 10.92 -2.18 9.56
CA LEU F 122 10.02 -1.08 9.24
C LEU F 122 8.67 -1.31 9.90
N PRO F 123 8.03 -0.25 10.37
CA PRO F 123 6.75 -0.39 11.07
C PRO F 123 5.58 -0.44 10.09
N ASP F 124 4.41 -0.75 10.65
CA ASP F 124 3.18 -0.88 9.88
C ASP F 124 2.66 0.46 9.37
N ASN F 125 3.19 1.57 9.87
CA ASN F 125 2.64 2.89 9.55
C ASN F 125 3.62 3.78 8.83
N LEU F 126 4.61 3.20 8.16
N LEU F 126 4.62 3.20 8.17
CA LEU F 126 5.51 3.98 7.31
CA LEU F 126 5.52 3.96 7.31
C LEU F 126 5.20 3.63 5.85
C LEU F 126 5.17 3.57 5.88
#